data_4EYG
#
_entry.id   4EYG
#
_cell.length_a   46.871
_cell.length_b   130.541
_cell.length_c   70.388
_cell.angle_alpha   90.000
_cell.angle_beta   109.220
_cell.angle_gamma   90.000
#
_symmetry.space_group_name_H-M   'P 1 21 1'
#
loop_
_entity.id
_entity.type
_entity.pdbx_description
1 polymer 'Twin-arginine translocation pathway signal'
2 non-polymer 4-HYDROXY-3-METHOXYBENZOATE
3 non-polymer 1,2-ETHANEDIOL
4 non-polymer 'ISOPROPYL ALCOHOL'
5 water water
#
_entity_poly.entity_id   1
_entity_poly.type   'polypeptide(L)'
_entity_poly.pdbx_seq_one_letter_code
;SNAEDTFKVGLIVP(MSE)TGGQASTGKQIDNAIKLYIKKHGDTVAGKKIEVILKDDAAIPDNTKRLAQELIVNDKVNVI
AGFGITPAALAAAPLATQAKVPEIV(MSE)AAGTSIITERSPYIVRTSFTLAQSSIIIGDWAAKNGIKKVATLTSDYAPG
NDALAFFKERFTAGGGEIVEEIKVPLANPDFAPFLQR(MSE)KDAKPDA(MSE)FVFVPAGQGGNF(MSE)KQFAERGLD
KSGIKVIGPGDV(MSE)DDDLLNS(MSE)GDAALGVVTAH(MSE)YSAAHPSA(MSE)NKEFVAAYKKEFGQRPGF
(MSE)AVGGYDGIHLVFEALKKTGGKADGDSLIAA(MSE)KG(MSE)KWESPRGPISIDPETRDIVQNIYIRKVEKVDGE
LYNIEFAKFDAVKDPGKTKK
;
_entity_poly.pdbx_strand_id   A,B
#
loop_
_chem_comp.id
_chem_comp.type
_chem_comp.name
_chem_comp.formula
EDO non-polymer 1,2-ETHANEDIOL 'C2 H6 O2'
IPA non-polymer 'ISOPROPYL ALCOHOL' 'C3 H8 O'
VNL non-polymer 4-HYDROXY-3-METHOXYBENZOATE 'C8 H7 O4 -1'
#
# COMPACT_ATOMS: atom_id res chain seq x y z
N GLU A 4 -26.22 5.31 25.55
CA GLU A 4 -27.13 5.21 26.73
C GLU A 4 -26.71 4.09 27.68
N ASP A 5 -27.20 2.86 27.47
CA ASP A 5 -26.89 1.75 28.37
C ASP A 5 -25.98 0.71 27.75
N THR A 6 -25.86 0.73 26.42
CA THR A 6 -25.06 -0.26 25.75
C THR A 6 -23.90 0.40 25.02
N PHE A 7 -22.85 -0.37 24.80
CA PHE A 7 -21.69 0.08 24.04
C PHE A 7 -21.37 -1.07 23.11
N LYS A 8 -21.24 -0.77 21.81
CA LYS A 8 -21.04 -1.81 20.81
C LYS A 8 -19.63 -1.81 20.20
N VAL A 9 -19.05 -3.01 20.06
CA VAL A 9 -17.78 -3.21 19.38
C VAL A 9 -18.06 -4.04 18.13
N GLY A 10 -17.80 -3.47 16.96
CA GLY A 10 -17.90 -4.19 15.70
C GLY A 10 -16.60 -4.91 15.41
N LEU A 11 -16.60 -6.23 15.58
CA LEU A 11 -15.38 -7.03 15.46
C LEU A 11 -15.30 -7.67 14.07
N ILE A 12 -14.39 -7.16 13.25
CA ILE A 12 -14.26 -7.61 11.86
C ILE A 12 -12.96 -8.38 11.68
N VAL A 13 -13.07 -9.70 11.54
CA VAL A 13 -11.87 -10.55 11.52
C VAL A 13 -12.07 -11.71 10.54
N PRO A 14 -10.97 -12.32 10.06
CA PRO A 14 -11.13 -13.49 9.20
C PRO A 14 -11.49 -14.74 10.00
N MSE A 15 -12.75 -15.19 9.91
CA MSE A 15 -13.15 -16.46 10.53
C MSE A 15 -13.04 -17.62 9.53
O MSE A 15 -13.07 -18.80 9.92
CB MSE A 15 -14.58 -16.38 11.08
CG MSE A 15 -14.81 -15.27 12.12
SE MSE A 15 -13.73 -15.42 13.74
CE MSE A 15 -14.44 -17.11 14.44
N THR A 16 -12.92 -17.30 8.25
CA THR A 16 -12.76 -18.30 7.20
C THR A 16 -11.61 -17.87 6.29
N GLY A 17 -11.18 -18.77 5.41
CA GLY A 17 -10.09 -18.48 4.48
C GLY A 17 -8.73 -18.66 5.12
N GLY A 18 -7.69 -18.22 4.42
CA GLY A 18 -6.29 -18.43 4.82
C GLY A 18 -5.92 -17.91 6.20
N GLN A 19 -6.58 -16.85 6.65
CA GLN A 19 -6.25 -16.28 7.97
C GLN A 19 -7.30 -16.60 9.03
N ALA A 20 -8.06 -17.68 8.83
CA ALA A 20 -9.06 -18.11 9.78
C ALA A 20 -8.48 -18.29 11.20
N SER A 21 -7.23 -18.75 11.30
CA SER A 21 -6.62 -19.00 12.62
C SER A 21 -6.45 -17.70 13.42
N THR A 22 -6.25 -16.58 12.72
CA THR A 22 -6.15 -15.24 13.34
C THR A 22 -7.50 -14.80 13.92
N GLY A 23 -8.56 -14.90 13.12
CA GLY A 23 -9.89 -14.50 13.60
C GLY A 23 -10.36 -15.39 14.73
N LYS A 24 -10.05 -16.69 14.63
CA LYS A 24 -10.41 -17.64 15.70
C LYS A 24 -9.78 -17.19 17.03
N GLN A 25 -8.49 -16.87 17.00
CA GLN A 25 -7.78 -16.50 18.22
C GLN A 25 -8.29 -15.21 18.80
N ILE A 26 -8.58 -14.23 17.94
CA ILE A 26 -9.03 -12.91 18.40
C ILE A 26 -10.43 -13.02 19.01
N ASP A 27 -11.34 -13.70 18.31
CA ASP A 27 -12.69 -13.96 18.84
C ASP A 27 -12.62 -14.71 20.18
N ASN A 28 -11.79 -15.76 20.25
CA ASN A 28 -11.60 -16.53 21.49
C ASN A 28 -11.08 -15.68 22.63
N ALA A 29 -10.00 -14.93 22.37
CA ALA A 29 -9.39 -14.10 23.40
C ALA A 29 -10.35 -13.06 23.97
N ILE A 30 -11.21 -12.49 23.11
CA ILE A 30 -12.17 -11.50 23.58
C ILE A 30 -13.27 -12.15 24.42
N LYS A 31 -13.72 -13.32 23.97
CA LYS A 31 -14.63 -14.13 24.75
C LYS A 31 -14.03 -14.43 26.14
N LEU A 32 -12.75 -14.80 26.16
CA LEU A 32 -12.08 -15.14 27.41
C LEU A 32 -12.01 -13.91 28.31
N TYR A 33 -11.63 -12.78 27.72
CA TYR A 33 -11.56 -11.53 28.46
C TYR A 33 -12.88 -11.21 29.14
N ILE A 34 -13.99 -11.29 28.40
CA ILE A 34 -15.32 -10.94 28.94
C ILE A 34 -15.74 -11.95 30.02
N LYS A 35 -15.46 -13.23 29.79
CA LYS A 35 -15.67 -14.26 30.79
C LYS A 35 -14.90 -13.93 32.08
N LYS A 36 -13.69 -13.39 31.95
CA LYS A 36 -12.88 -13.15 33.14
C LYS A 36 -13.10 -11.78 33.79
N HIS A 37 -13.60 -10.81 33.03
CA HIS A 37 -13.77 -9.42 33.51
C HIS A 37 -15.20 -8.95 33.56
N GLY A 38 -16.12 -9.72 33.00
CA GLY A 38 -17.53 -9.31 32.90
C GLY A 38 -17.77 -8.49 31.65
N ASP A 39 -19.02 -8.13 31.40
CA ASP A 39 -19.36 -7.37 30.18
C ASP A 39 -19.86 -5.95 30.46
N THR A 40 -19.60 -5.44 31.65
CA THR A 40 -20.11 -4.13 32.05
C THR A 40 -19.01 -3.21 32.56
N VAL A 41 -19.00 -1.98 32.05
CA VAL A 41 -18.00 -0.99 32.44
C VAL A 41 -18.59 0.42 32.41
N ALA A 42 -18.36 1.18 33.49
CA ALA A 42 -18.88 2.53 33.65
C ALA A 42 -20.36 2.65 33.27
N GLY A 43 -21.17 1.70 33.73
CA GLY A 43 -22.62 1.70 33.49
C GLY A 43 -23.06 1.27 32.10
N LYS A 44 -22.12 0.84 31.27
CA LYS A 44 -22.41 0.40 29.90
C LYS A 44 -22.26 -1.10 29.73
N LYS A 45 -23.23 -1.73 29.07
CA LYS A 45 -23.12 -3.14 28.70
C LYS A 45 -22.42 -3.26 27.36
N ILE A 46 -21.26 -3.93 27.34
CA ILE A 46 -20.49 -4.11 26.11
C ILE A 46 -21.09 -5.23 25.28
N GLU A 47 -21.43 -4.93 24.03
CA GLU A 47 -21.84 -5.95 23.07
C GLU A 47 -20.77 -6.09 21.98
N VAL A 48 -20.35 -7.33 21.70
CA VAL A 48 -19.40 -7.58 20.61
C VAL A 48 -20.17 -8.23 19.46
N ILE A 49 -20.17 -7.56 18.30
CA ILE A 49 -20.81 -8.06 17.08
C ILE A 49 -19.70 -8.58 16.16
N LEU A 50 -19.69 -9.89 15.94
CA LEU A 50 -18.67 -10.53 15.10
C LEU A 50 -19.09 -10.55 13.63
N LYS A 51 -18.21 -10.12 12.74
CA LYS A 51 -18.41 -10.22 11.29
C LYS A 51 -17.16 -10.79 10.63
N ASP A 52 -17.36 -11.79 9.77
CA ASP A 52 -16.25 -12.47 9.11
C ASP A 52 -16.00 -11.81 7.76
N ASP A 53 -14.83 -11.20 7.58
CA ASP A 53 -14.49 -10.57 6.29
C ASP A 53 -13.68 -11.51 5.41
N ALA A 54 -13.32 -12.67 5.97
CA ALA A 54 -12.43 -13.63 5.29
C ALA A 54 -11.10 -13.01 4.81
N ALA A 55 -10.67 -11.92 5.46
CA ALA A 55 -9.44 -11.19 5.10
C ALA A 55 -9.48 -10.61 3.67
N ILE A 56 -10.70 -10.39 3.16
CA ILE A 56 -10.91 -9.79 1.86
C ILE A 56 -11.26 -8.31 2.08
N PRO A 57 -10.38 -7.38 1.64
CA PRO A 57 -10.55 -5.96 1.95
C PRO A 57 -11.90 -5.37 1.51
N ASP A 58 -12.44 -5.81 0.37
CA ASP A 58 -13.79 -5.38 -0.08
C ASP A 58 -14.86 -5.71 0.96
N ASN A 59 -14.75 -6.89 1.56
CA ASN A 59 -15.66 -7.31 2.62
C ASN A 59 -15.47 -6.47 3.87
N THR A 60 -14.21 -6.21 4.23
CA THR A 60 -13.90 -5.43 5.41
C THR A 60 -14.59 -4.05 5.34
N LYS A 61 -14.47 -3.40 4.19
CA LYS A 61 -15.07 -2.09 3.96
C LYS A 61 -16.61 -2.10 4.08
N ARG A 62 -17.26 -3.07 3.40
CA ARG A 62 -18.72 -3.22 3.44
C ARG A 62 -19.19 -3.55 4.86
N LEU A 63 -18.47 -4.45 5.54
CA LEU A 63 -18.85 -4.82 6.90
C LEU A 63 -18.68 -3.66 7.88
N ALA A 64 -17.60 -2.89 7.72
CA ALA A 64 -17.37 -1.71 8.55
C ALA A 64 -18.46 -0.63 8.37
N GLN A 65 -18.89 -0.44 7.13
CA GLN A 65 -19.98 0.51 6.85
C GLN A 65 -21.28 0.02 7.51
N GLU A 66 -21.57 -1.26 7.39
CA GLU A 66 -22.78 -1.84 7.99
C GLU A 66 -22.82 -1.68 9.51
N LEU A 67 -21.68 -1.97 10.16
CA LEU A 67 -21.54 -1.88 11.61
C LEU A 67 -21.66 -0.44 12.11
N ILE A 68 -21.00 0.49 11.42
CA ILE A 68 -21.04 1.90 11.79
C ILE A 68 -22.42 2.52 11.52
N VAL A 69 -22.97 2.29 10.33
CA VAL A 69 -24.22 2.95 9.91
C VAL A 69 -25.49 2.23 10.39
N ASN A 70 -25.57 0.92 10.18
CA ASN A 70 -26.77 0.18 10.58
C ASN A 70 -26.78 -0.22 12.05
N ASP A 71 -25.66 -0.75 12.53
CA ASP A 71 -25.59 -1.24 13.90
C ASP A 71 -25.16 -0.16 14.90
N LYS A 72 -24.69 0.98 14.38
CA LYS A 72 -24.29 2.12 15.21
C LYS A 72 -23.21 1.79 16.24
N VAL A 73 -22.20 1.02 15.84
CA VAL A 73 -21.14 0.63 16.79
C VAL A 73 -20.32 1.84 17.24
N ASN A 74 -19.74 1.75 18.43
CA ASN A 74 -18.92 2.82 18.97
C ASN A 74 -17.45 2.65 18.60
N VAL A 75 -17.06 1.42 18.30
CA VAL A 75 -15.68 1.08 17.97
C VAL A 75 -15.73 -0.02 16.93
N ILE A 76 -14.78 -0.03 16.00
CA ILE A 76 -14.54 -1.19 15.15
C ILE A 76 -13.17 -1.79 15.50
N ALA A 77 -13.07 -3.11 15.41
CA ALA A 77 -11.87 -3.78 15.90
C ALA A 77 -11.56 -5.02 15.09
N GLY A 78 -10.30 -5.43 15.14
CA GLY A 78 -9.83 -6.69 14.57
C GLY A 78 -8.77 -6.42 13.53
N PHE A 79 -9.13 -6.64 12.26
CA PHE A 79 -8.28 -6.35 11.09
C PHE A 79 -7.09 -7.30 10.94
N GLY A 80 -7.40 -8.47 10.39
CA GLY A 80 -6.48 -9.60 10.37
C GLY A 80 -5.26 -9.42 9.49
N ILE A 81 -5.39 -8.63 8.44
CA ILE A 81 -4.29 -8.33 7.53
C ILE A 81 -4.24 -6.84 7.27
N THR A 82 -3.07 -6.35 6.84
CA THR A 82 -2.86 -4.93 6.57
C THR A 82 -3.93 -4.32 5.63
N PRO A 83 -4.20 -4.97 4.49
CA PRO A 83 -5.22 -4.40 3.59
C PRO A 83 -6.60 -4.22 4.25
N ALA A 84 -6.96 -5.09 5.21
CA ALA A 84 -8.23 -4.97 5.91
C ALA A 84 -8.25 -3.72 6.78
N ALA A 85 -7.17 -3.50 7.54
CA ALA A 85 -7.03 -2.29 8.37
C ALA A 85 -7.10 -1.05 7.50
N LEU A 86 -6.46 -1.09 6.34
CA LEU A 86 -6.41 0.06 5.44
C LEU A 86 -7.76 0.33 4.78
N ALA A 87 -8.53 -0.72 4.55
CA ALA A 87 -9.84 -0.58 3.90
C ALA A 87 -10.84 0.13 4.81
N ALA A 88 -10.72 -0.08 6.12
CA ALA A 88 -11.65 0.49 7.10
C ALA A 88 -11.29 1.92 7.52
N ALA A 89 -10.02 2.30 7.32
CA ALA A 89 -9.50 3.59 7.82
C ALA A 89 -10.28 4.84 7.42
N PRO A 90 -10.69 4.97 6.13
CA PRO A 90 -11.48 6.13 5.73
C PRO A 90 -12.83 6.24 6.48
N LEU A 91 -13.49 5.10 6.71
CA LEU A 91 -14.78 5.08 7.43
C LEU A 91 -14.60 5.45 8.90
N ALA A 92 -13.54 4.92 9.52
CA ALA A 92 -13.18 5.26 10.89
C ALA A 92 -12.98 6.77 11.03
N THR A 93 -12.25 7.35 10.08
CA THR A 93 -11.99 8.78 10.08
C THR A 93 -13.27 9.60 9.88
N GLN A 94 -14.07 9.22 8.88
CA GLN A 94 -15.27 9.96 8.56
C GLN A 94 -16.28 9.90 9.71
N ALA A 95 -16.45 8.71 10.29
CA ALA A 95 -17.45 8.50 11.34
C ALA A 95 -16.93 8.80 12.76
N LYS A 96 -15.64 9.10 12.87
CA LYS A 96 -14.97 9.38 14.17
C LYS A 96 -15.13 8.21 15.13
N VAL A 97 -14.89 7.02 14.60
CA VAL A 97 -15.03 5.76 15.33
C VAL A 97 -13.63 5.17 15.47
N PRO A 98 -13.17 4.90 16.73
CA PRO A 98 -11.86 4.25 16.90
C PRO A 98 -11.80 2.91 16.19
N GLU A 99 -10.66 2.66 15.56
CA GLU A 99 -10.39 1.42 14.84
C GLU A 99 -9.21 0.75 15.55
N ILE A 100 -9.52 -0.34 16.26
CA ILE A 100 -8.53 -1.03 17.11
C ILE A 100 -7.93 -2.20 16.34
N VAL A 101 -6.68 -2.01 15.94
CA VAL A 101 -5.97 -2.99 15.13
C VAL A 101 -5.31 -4.02 16.04
N MSE A 102 -5.83 -5.25 15.99
CA MSE A 102 -5.45 -6.31 16.93
C MSE A 102 -4.55 -7.35 16.27
O MSE A 102 -4.10 -8.30 16.92
CB MSE A 102 -6.69 -6.99 17.52
CG MSE A 102 -7.61 -6.08 18.33
SE MSE A 102 -9.32 -6.95 18.47
CE MSE A 102 -10.07 -5.89 19.92
N ALA A 103 -4.29 -7.18 14.96
CA ALA A 103 -3.50 -8.16 14.21
C ALA A 103 -2.49 -7.51 13.28
N ALA A 104 -2.98 -6.73 12.30
CA ALA A 104 -2.15 -6.21 11.22
C ALA A 104 -0.87 -5.46 11.68
N GLY A 105 0.26 -5.70 11.01
CA GLY A 105 1.55 -5.25 11.51
C GLY A 105 2.42 -4.34 10.66
N THR A 106 1.84 -3.67 9.66
CA THR A 106 2.61 -2.75 8.82
C THR A 106 2.76 -1.42 9.54
N SER A 107 3.98 -0.87 9.54
CA SER A 107 4.27 0.34 10.32
C SER A 107 3.31 1.52 10.04
N ILE A 108 3.00 1.72 8.77
CA ILE A 108 2.27 2.91 8.31
C ILE A 108 0.78 2.95 8.68
N ILE A 109 0.23 1.80 9.09
CA ILE A 109 -1.20 1.72 9.38
C ILE A 109 -1.70 2.81 10.33
N THR A 110 -0.98 3.10 11.41
CA THR A 110 -1.46 4.11 12.38
C THR A 110 -1.51 5.54 11.79
N GLU A 111 -0.73 5.77 10.73
N GLU A 111 -0.74 5.78 10.74
CA GLU A 111 -0.70 7.07 10.06
CA GLU A 111 -0.72 7.08 10.06
C GLU A 111 -1.89 7.27 9.11
C GLU A 111 -1.88 7.27 9.09
N ARG A 112 -2.65 6.21 8.87
CA ARG A 112 -3.75 6.28 7.90
C ARG A 112 -5.10 6.71 8.46
N SER A 113 -5.18 6.88 9.77
CA SER A 113 -6.36 7.49 10.40
C SER A 113 -5.97 7.93 11.79
N PRO A 114 -6.40 9.14 12.20
CA PRO A 114 -6.15 9.59 13.57
C PRO A 114 -6.98 8.82 14.61
N TYR A 115 -7.90 7.96 14.14
CA TYR A 115 -8.72 7.12 15.02
C TYR A 115 -8.22 5.68 15.17
N ILE A 116 -7.12 5.33 14.50
CA ILE A 116 -6.54 3.99 14.64
C ILE A 116 -5.68 3.88 15.90
N VAL A 117 -5.88 2.80 16.65
CA VAL A 117 -4.98 2.44 17.76
C VAL A 117 -4.62 0.96 17.59
N ARG A 118 -3.36 0.60 17.84
CA ARG A 118 -2.89 -0.78 17.61
C ARG A 118 -2.43 -1.48 18.89
N THR A 119 -2.83 -2.75 19.06
CA THR A 119 -2.44 -3.57 20.22
C THR A 119 -1.72 -4.85 19.78
N SER A 120 -1.34 -4.92 18.52
CA SER A 120 -0.59 -6.08 18.01
C SER A 120 0.93 -5.79 18.03
N PHE A 121 1.49 -5.31 16.91
CA PHE A 121 2.94 -5.19 16.74
C PHE A 121 3.15 -4.47 15.43
N THR A 122 4.40 -4.08 15.17
CA THR A 122 4.81 -3.83 13.78
C THR A 122 5.90 -4.84 13.46
N LEU A 123 6.00 -5.25 12.19
CA LEU A 123 7.10 -6.13 11.75
C LEU A 123 8.46 -5.53 12.03
N ALA A 124 8.57 -4.20 11.92
CA ALA A 124 9.86 -3.52 12.16
C ALA A 124 10.39 -3.72 13.58
N GLN A 125 9.49 -3.79 14.56
CA GLN A 125 9.88 -3.97 15.96
C GLN A 125 10.71 -5.25 16.14
N SER A 126 10.25 -6.34 15.53
CA SER A 126 10.90 -7.63 15.64
C SER A 126 12.05 -7.79 14.65
N SER A 127 11.89 -7.19 13.48
CA SER A 127 12.84 -7.39 12.39
C SER A 127 14.19 -6.71 12.69
N ILE A 128 14.17 -5.56 13.36
CA ILE A 128 15.46 -4.89 13.68
C ILE A 128 16.26 -5.72 14.71
N ILE A 129 15.53 -6.39 15.60
CA ILE A 129 16.15 -7.13 16.69
C ILE A 129 16.80 -8.41 16.17
N ILE A 130 16.08 -9.16 15.35
CA ILE A 130 16.65 -10.39 14.78
C ILE A 130 17.78 -10.07 13.77
N GLY A 131 17.70 -8.90 13.15
CA GLY A 131 18.76 -8.44 12.24
C GLY A 131 20.06 -8.19 12.99
N ASP A 132 19.98 -7.41 14.07
CA ASP A 132 21.14 -7.18 14.97
C ASP A 132 21.72 -8.48 15.50
N TRP A 133 20.84 -9.36 16.00
CA TRP A 133 21.26 -10.62 16.62
C TRP A 133 22.02 -11.52 15.65
N ALA A 134 21.50 -11.64 14.42
CA ALA A 134 22.10 -12.53 13.42
C ALA A 134 23.52 -12.09 13.07
N ALA A 135 23.71 -10.78 12.90
CA ALA A 135 25.03 -10.24 12.57
C ALA A 135 26.02 -10.46 13.72
N LYS A 136 25.57 -10.18 14.94
CA LYS A 136 26.43 -10.36 16.13
C LYS A 136 26.74 -11.82 16.44
N ASN A 137 25.97 -12.74 15.87
CA ASN A 137 26.19 -14.15 16.16
C ASN A 137 26.81 -14.96 15.02
N GLY A 138 27.67 -14.30 14.25
CA GLY A 138 28.46 -14.98 13.21
C GLY A 138 27.70 -15.55 12.02
N ILE A 139 26.45 -15.13 11.84
CA ILE A 139 25.70 -15.45 10.61
C ILE A 139 26.13 -14.45 9.54
N LYS A 140 26.76 -14.94 8.46
CA LYS A 140 27.35 -14.06 7.43
C LYS A 140 26.50 -13.89 6.17
N LYS A 141 25.89 -14.97 5.69
CA LYS A 141 25.15 -14.96 4.42
C LYS A 141 23.73 -15.46 4.65
N VAL A 142 22.74 -14.66 4.25
CA VAL A 142 21.33 -14.95 4.53
C VAL A 142 20.50 -14.82 3.25
N ALA A 143 19.61 -15.79 3.02
CA ALA A 143 18.58 -15.67 2.01
C ALA A 143 17.28 -15.29 2.71
N THR A 144 16.49 -14.42 2.09
CA THR A 144 15.21 -14.04 2.68
C THR A 144 14.04 -14.67 1.92
N LEU A 145 13.00 -15.05 2.66
CA LEU A 145 11.72 -15.47 2.08
C LEU A 145 10.66 -14.68 2.82
N THR A 146 9.92 -13.84 2.09
CA THR A 146 8.91 -13.00 2.74
C THR A 146 7.62 -12.94 1.93
N SER A 147 6.49 -12.97 2.63
N SER A 147 6.49 -12.97 2.61
CA SER A 147 5.18 -12.82 2.01
CA SER A 147 5.19 -12.84 1.95
C SER A 147 5.13 -11.55 1.17
C SER A 147 5.15 -11.56 1.15
N ASP A 148 4.61 -11.66 -0.06
CA ASP A 148 4.63 -10.56 -1.02
C ASP A 148 3.56 -9.49 -0.80
N TYR A 149 3.55 -8.86 0.37
CA TYR A 149 2.67 -7.72 0.62
C TYR A 149 3.24 -6.87 1.74
N ALA A 150 2.56 -5.79 2.12
CA ALA A 150 3.14 -4.77 3.01
C ALA A 150 3.99 -5.22 4.22
N PRO A 151 3.47 -6.12 5.09
CA PRO A 151 4.26 -6.46 6.28
C PRO A 151 5.53 -7.25 5.95
N GLY A 152 5.48 -8.05 4.88
CA GLY A 152 6.66 -8.79 4.40
C GLY A 152 7.72 -7.83 3.90
N ASN A 153 7.27 -6.76 3.23
CA ASN A 153 8.19 -5.74 2.76
C ASN A 153 8.84 -4.96 3.89
N ASP A 154 8.07 -4.66 4.93
CA ASP A 154 8.58 -4.04 6.16
C ASP A 154 9.62 -4.96 6.82
N ALA A 155 9.27 -6.25 6.96
CA ALA A 155 10.14 -7.24 7.61
C ALA A 155 11.49 -7.27 6.89
N LEU A 156 11.43 -7.37 5.57
CA LEU A 156 12.63 -7.42 4.72
C LEU A 156 13.50 -6.17 4.89
N ALA A 157 12.88 -4.99 4.79
CA ALA A 157 13.63 -3.72 4.81
C ALA A 157 14.35 -3.51 6.13
N PHE A 158 13.66 -3.76 7.24
CA PHE A 158 14.26 -3.52 8.56
C PHE A 158 15.27 -4.57 8.96
N PHE A 159 15.02 -5.81 8.58
CA PHE A 159 16.02 -6.85 8.79
C PHE A 159 17.28 -6.53 7.99
N LYS A 160 17.10 -6.24 6.71
CA LYS A 160 18.26 -5.93 5.83
C LYS A 160 19.09 -4.78 6.40
N GLU A 161 18.41 -3.72 6.82
CA GLU A 161 19.09 -2.54 7.36
C GLU A 161 20.06 -2.91 8.47
N ARG A 162 19.56 -3.60 9.49
CA ARG A 162 20.36 -3.93 10.68
C ARG A 162 21.38 -5.03 10.39
N PHE A 163 20.97 -6.05 9.64
CA PHE A 163 21.86 -7.19 9.39
C PHE A 163 23.07 -6.76 8.54
N THR A 164 22.84 -5.95 7.51
CA THR A 164 23.96 -5.46 6.70
C THR A 164 24.81 -4.43 7.48
N ALA A 165 24.17 -3.58 8.28
CA ALA A 165 24.91 -2.65 9.14
C ALA A 165 25.88 -3.39 10.07
N GLY A 166 25.49 -4.58 10.51
CA GLY A 166 26.35 -5.41 11.35
C GLY A 166 27.37 -6.25 10.58
N GLY A 167 27.41 -6.10 9.26
CA GLY A 167 28.40 -6.81 8.46
C GLY A 167 27.85 -8.03 7.73
N GLY A 168 26.55 -8.27 7.85
CA GLY A 168 25.93 -9.40 7.16
C GLY A 168 25.76 -9.13 5.67
N GLU A 169 25.52 -10.18 4.90
CA GLU A 169 25.26 -10.10 3.46
C GLU A 169 23.97 -10.86 3.14
N ILE A 170 23.06 -10.24 2.38
CA ILE A 170 21.87 -10.93 1.85
C ILE A 170 22.19 -11.46 0.46
N VAL A 171 22.11 -12.77 0.28
CA VAL A 171 22.50 -13.41 -0.98
C VAL A 171 21.37 -13.48 -2.01
N GLU A 172 20.14 -13.62 -1.53
CA GLU A 172 18.94 -13.76 -2.37
C GLU A 172 17.71 -13.29 -1.62
N GLU A 173 16.81 -12.58 -2.31
CA GLU A 173 15.52 -12.19 -1.74
C GLU A 173 14.39 -12.80 -2.56
N ILE A 174 13.58 -13.64 -1.92
CA ILE A 174 12.48 -14.32 -2.59
C ILE A 174 11.15 -13.96 -1.93
N LYS A 175 10.12 -13.68 -2.73
CA LYS A 175 8.80 -13.33 -2.18
C LYS A 175 7.74 -14.33 -2.64
N VAL A 176 6.82 -14.68 -1.76
CA VAL A 176 5.73 -15.61 -2.11
C VAL A 176 4.38 -14.96 -1.88
N PRO A 177 3.34 -15.33 -2.67
CA PRO A 177 2.01 -14.74 -2.50
C PRO A 177 1.41 -14.99 -1.13
N LEU A 178 0.59 -14.05 -0.67
CA LEU A 178 -0.22 -14.24 0.54
C LEU A 178 -1.13 -15.47 0.40
N ALA A 179 -1.83 -15.56 -0.73
CA ALA A 179 -2.77 -16.63 -0.99
C ALA A 179 -2.05 -17.88 -1.49
N ASN A 180 -2.33 -19.01 -0.85
CA ASN A 180 -1.78 -20.33 -1.22
C ASN A 180 -0.32 -20.33 -1.68
N PRO A 181 0.61 -19.87 -0.83
CA PRO A 181 2.02 -19.89 -1.24
C PRO A 181 2.56 -21.31 -1.42
N ASP A 182 3.43 -21.51 -2.40
CA ASP A 182 4.14 -22.78 -2.54
C ASP A 182 5.58 -22.52 -2.11
N PHE A 183 5.98 -23.15 -1.02
CA PHE A 183 7.30 -22.93 -0.45
C PHE A 183 8.38 -23.82 -1.08
N ALA A 184 7.96 -24.87 -1.79
CA ALA A 184 8.91 -25.85 -2.34
C ALA A 184 10.04 -25.28 -3.24
N PRO A 185 9.73 -24.34 -4.16
CA PRO A 185 10.82 -23.76 -4.98
C PRO A 185 11.94 -23.06 -4.18
N PHE A 186 11.60 -22.14 -3.28
CA PHE A 186 12.58 -21.48 -2.41
C PHE A 186 13.40 -22.48 -1.61
N LEU A 187 12.72 -23.48 -1.07
CA LEU A 187 13.36 -24.50 -0.24
C LEU A 187 14.32 -25.37 -1.06
N GLN A 188 13.96 -25.64 -2.31
CA GLN A 188 14.81 -26.38 -3.23
C GLN A 188 16.09 -25.57 -3.51
N ARG A 189 15.90 -24.28 -3.81
CA ARG A 189 16.99 -23.33 -3.99
C ARG A 189 17.95 -23.33 -2.80
N MSE A 190 17.40 -23.27 -1.59
CA MSE A 190 18.18 -23.33 -0.36
C MSE A 190 19.08 -24.55 -0.28
O MSE A 190 20.24 -24.45 0.13
CB MSE A 190 17.26 -23.32 0.86
CG MSE A 190 16.53 -22.02 1.05
SE MSE A 190 17.76 -20.55 1.40
CE MSE A 190 18.23 -20.12 -0.49
N LYS A 191 18.53 -25.70 -0.66
CA LYS A 191 19.26 -26.96 -0.55
C LYS A 191 20.52 -26.92 -1.42
N ASP A 192 20.39 -26.28 -2.58
CA ASP A 192 21.51 -26.11 -3.51
C ASP A 192 22.45 -24.97 -3.10
N ALA A 193 21.87 -23.84 -2.69
CA ALA A 193 22.63 -22.60 -2.44
C ALA A 193 23.29 -22.50 -1.04
N LYS A 194 22.73 -23.23 -0.07
CA LYS A 194 23.27 -23.31 1.29
C LYS A 194 23.79 -21.99 1.88
N PRO A 195 22.90 -21.00 2.14
CA PRO A 195 23.35 -19.83 2.89
C PRO A 195 23.55 -20.21 4.35
N ASP A 196 24.10 -19.30 5.18
CA ASP A 196 24.23 -19.58 6.60
C ASP A 196 22.86 -19.71 7.27
N ALA A 197 21.91 -18.88 6.82
CA ALA A 197 20.56 -18.89 7.42
C ALA A 197 19.53 -18.43 6.41
N MSE A 198 18.27 -18.80 6.63
CA MSE A 198 17.14 -18.18 5.94
C MSE A 198 16.33 -17.33 6.91
O MSE A 198 16.02 -17.76 8.02
CB MSE A 198 16.25 -19.23 5.27
CG MSE A 198 16.01 -20.41 6.14
SE MSE A 198 14.87 -21.76 5.40
CE MSE A 198 15.49 -21.83 3.59
N PHE A 199 16.01 -16.12 6.48
CA PHE A 199 15.13 -15.22 7.22
C PHE A 199 13.75 -15.38 6.59
N VAL A 200 12.76 -15.71 7.41
CA VAL A 200 11.45 -16.10 6.92
C VAL A 200 10.35 -15.28 7.60
N PHE A 201 9.63 -14.50 6.80
CA PHE A 201 8.34 -13.98 7.24
C PHE A 201 7.17 -14.56 6.45
N VAL A 202 6.26 -15.21 7.17
CA VAL A 202 4.93 -15.57 6.62
C VAL A 202 3.93 -15.19 7.71
N PRO A 203 2.67 -14.88 7.34
CA PRO A 203 1.70 -14.44 8.36
C PRO A 203 1.30 -15.56 9.32
N ALA A 204 0.75 -15.21 10.48
CA ALA A 204 0.11 -16.18 11.36
C ALA A 204 -0.70 -17.17 10.52
N GLY A 205 -0.58 -18.46 10.83
CA GLY A 205 -1.37 -19.50 10.18
C GLY A 205 -0.62 -20.28 9.10
N GLN A 206 0.51 -19.74 8.62
CA GLN A 206 1.28 -20.36 7.53
C GLN A 206 2.59 -21.07 7.91
N GLY A 207 3.08 -20.82 9.12
CA GLY A 207 4.36 -21.38 9.60
C GLY A 207 4.44 -22.89 9.65
N GLY A 208 3.33 -23.53 9.99
CA GLY A 208 3.22 -24.99 9.99
C GLY A 208 3.45 -25.57 8.62
N ASN A 209 2.80 -24.98 7.62
CA ASN A 209 2.96 -25.38 6.22
C ASN A 209 4.37 -25.19 5.75
N PHE A 210 4.96 -24.05 6.13
CA PHE A 210 6.36 -23.80 5.80
C PHE A 210 7.26 -24.86 6.40
N MSE A 211 7.10 -25.12 7.70
CA MSE A 211 7.95 -26.09 8.39
C MSE A 211 7.77 -27.50 7.85
O MSE A 211 8.75 -28.25 7.74
CB MSE A 211 7.76 -26.04 9.90
CG MSE A 211 8.41 -24.79 10.55
SE MSE A 211 10.30 -24.53 10.04
CE MSE A 211 11.01 -26.20 10.74
N LYS A 212 6.55 -27.86 7.47
CA LYS A 212 6.29 -29.15 6.84
C LYS A 212 7.09 -29.33 5.53
N GLN A 213 7.11 -28.31 4.67
CA GLN A 213 7.86 -28.40 3.42
C GLN A 213 9.38 -28.35 3.66
N PHE A 214 9.79 -27.55 4.64
CA PHE A 214 11.16 -27.51 5.12
C PHE A 214 11.67 -28.91 5.49
N ALA A 215 10.89 -29.63 6.31
CA ALA A 215 11.28 -30.95 6.79
C ALA A 215 11.20 -31.99 5.67
N GLU A 216 10.21 -31.83 4.79
CA GLU A 216 10.08 -32.72 3.63
C GLU A 216 11.27 -32.61 2.68
N ARG A 217 11.81 -31.41 2.52
CA ARG A 217 12.96 -31.22 1.65
C ARG A 217 14.30 -31.50 2.35
N GLY A 218 14.22 -31.90 3.62
CA GLY A 218 15.38 -32.39 4.38
C GLY A 218 16.29 -31.31 4.95
N LEU A 219 15.77 -30.10 5.05
CA LEU A 219 16.61 -28.94 5.37
C LEU A 219 17.02 -28.83 6.84
N ASP A 220 16.36 -29.58 7.72
CA ASP A 220 16.76 -29.61 9.12
C ASP A 220 18.08 -30.36 9.30
N LYS A 221 18.49 -31.11 8.27
CA LYS A 221 19.80 -31.76 8.29
C LYS A 221 20.89 -31.00 7.51
N SER A 222 20.55 -29.81 7.00
CA SER A 222 21.45 -29.04 6.12
C SER A 222 22.41 -28.08 6.84
N GLY A 223 22.17 -27.81 8.12
CA GLY A 223 22.93 -26.78 8.82
C GLY A 223 22.57 -25.35 8.45
N ILE A 224 21.53 -25.17 7.64
CA ILE A 224 21.00 -23.81 7.39
C ILE A 224 20.08 -23.45 8.57
N LYS A 225 20.41 -22.37 9.28
CA LYS A 225 19.55 -21.91 10.38
C LYS A 225 18.31 -21.19 9.84
N VAL A 226 17.20 -21.30 10.56
CA VAL A 226 16.00 -20.52 10.29
C VAL A 226 15.91 -19.43 11.35
N ILE A 227 15.81 -18.18 10.90
CA ILE A 227 15.60 -17.02 11.76
C ILE A 227 14.44 -16.16 11.20
N GLY A 228 13.92 -15.24 12.03
CA GLY A 228 12.93 -14.30 11.52
C GLY A 228 12.21 -13.60 12.64
N PRO A 229 11.22 -12.75 12.30
CA PRO A 229 10.25 -12.33 13.32
C PRO A 229 9.45 -13.58 13.75
N GLY A 230 8.70 -13.50 14.85
CA GLY A 230 8.08 -14.70 15.41
C GLY A 230 6.87 -15.27 14.69
N ASP A 231 6.41 -14.60 13.63
CA ASP A 231 5.16 -15.01 12.96
C ASP A 231 5.22 -16.44 12.48
N VAL A 232 6.36 -16.84 11.87
CA VAL A 232 6.53 -18.22 11.38
C VAL A 232 6.43 -19.27 12.52
N MSE A 233 6.94 -18.91 13.71
CA MSE A 233 6.84 -19.77 14.92
C MSE A 233 5.62 -19.40 15.80
O MSE A 233 5.73 -19.29 17.02
CB MSE A 233 8.13 -19.68 15.76
CG MSE A 233 9.40 -20.33 15.15
SE MSE A 233 9.16 -22.21 14.73
CE MSE A 233 9.00 -21.99 12.83
N ASP A 234 4.48 -19.18 15.15
CA ASP A 234 3.18 -18.93 15.77
C ASP A 234 2.82 -19.99 16.82
N ASP A 235 2.70 -19.57 18.08
CA ASP A 235 2.26 -20.48 19.16
C ASP A 235 0.94 -21.21 18.90
N ASP A 236 0.08 -20.63 18.06
CA ASP A 236 -1.18 -21.30 17.68
C ASP A 236 -0.88 -22.57 16.87
N LEU A 237 0.32 -22.64 16.30
CA LEU A 237 0.74 -23.72 15.39
C LEU A 237 1.86 -24.62 15.92
N LEU A 238 2.58 -24.14 16.94
N LEU A 238 2.60 -24.15 16.93
CA LEU A 238 3.77 -24.84 17.43
CA LEU A 238 3.79 -24.85 17.41
C LEU A 238 3.54 -26.30 17.81
C LEU A 238 3.54 -26.30 17.81
N ASN A 239 2.39 -26.56 18.43
CA ASN A 239 1.96 -27.94 18.80
C ASN A 239 1.86 -28.94 17.67
N SER A 240 1.69 -28.44 16.44
CA SER A 240 1.49 -29.32 15.29
C SER A 240 2.80 -29.55 14.54
N MSE A 241 3.88 -28.90 14.97
CA MSE A 241 5.15 -28.99 14.28
C MSE A 241 6.01 -30.15 14.79
O MSE A 241 5.85 -30.59 15.92
CB MSE A 241 5.92 -27.68 14.42
CG MSE A 241 5.29 -26.54 13.66
SE MSE A 241 6.36 -24.96 13.92
CE MSE A 241 5.17 -23.65 13.06
N GLY A 242 6.93 -30.63 13.95
CA GLY A 242 7.84 -31.70 14.36
C GLY A 242 9.20 -31.20 14.84
N ASP A 243 10.11 -32.14 15.04
CA ASP A 243 11.43 -31.84 15.57
C ASP A 243 12.30 -30.92 14.68
N ALA A 244 11.95 -30.77 13.40
CA ALA A 244 12.67 -29.83 12.51
C ALA A 244 12.64 -28.38 13.01
N ALA A 245 11.63 -28.04 13.81
CA ALA A 245 11.50 -26.69 14.34
C ALA A 245 12.42 -26.43 15.54
N LEU A 246 12.95 -27.48 16.15
CA LEU A 246 13.86 -27.30 17.29
C LEU A 246 15.02 -26.39 16.90
N GLY A 247 15.32 -25.39 17.72
CA GLY A 247 16.44 -24.49 17.42
C GLY A 247 16.16 -23.30 16.51
N VAL A 248 14.94 -23.15 16.00
CA VAL A 248 14.61 -21.93 15.23
C VAL A 248 14.66 -20.73 16.17
N VAL A 249 15.35 -19.67 15.76
CA VAL A 249 15.52 -18.46 16.58
C VAL A 249 14.70 -17.31 15.96
N THR A 250 13.77 -16.75 16.73
CA THR A 250 12.95 -15.65 16.26
C THR A 250 12.87 -14.53 17.30
N ALA A 251 12.65 -13.31 16.82
CA ALA A 251 12.32 -12.20 17.72
C ALA A 251 10.81 -11.92 17.64
N HIS A 252 10.17 -11.71 18.78
CA HIS A 252 8.75 -11.39 18.78
C HIS A 252 8.27 -10.76 20.06
N MSE A 253 7.06 -10.22 20.03
CA MSE A 253 6.51 -9.60 21.25
C MSE A 253 5.79 -10.54 22.19
O MSE A 253 5.51 -10.16 23.33
CB MSE A 253 5.58 -8.42 20.93
CG MSE A 253 4.84 -8.45 19.62
SE MSE A 253 3.85 -9.99 19.05
CE MSE A 253 2.05 -9.54 19.68
N TYR A 254 5.47 -11.75 21.74
CA TYR A 254 4.75 -12.71 22.59
C TYR A 254 5.22 -14.14 22.43
N SER A 255 5.38 -14.83 23.56
CA SER A 255 5.54 -16.27 23.55
C SER A 255 4.61 -16.84 24.59
N ALA A 256 3.95 -17.94 24.24
CA ALA A 256 3.12 -18.64 25.23
C ALA A 256 3.96 -19.13 26.44
N ALA A 257 5.28 -19.23 26.26
CA ALA A 257 6.21 -19.59 27.36
C ALA A 257 6.75 -18.39 28.15
N HIS A 258 6.24 -17.17 27.89
CA HIS A 258 6.66 -16.01 28.70
C HIS A 258 6.42 -16.30 30.17
N PRO A 259 7.43 -16.11 31.03
CA PRO A 259 7.31 -16.68 32.39
C PRO A 259 6.60 -15.87 33.48
N SER A 260 5.84 -14.85 33.11
CA SER A 260 5.16 -14.01 34.11
C SER A 260 3.95 -14.69 34.73
N ALA A 261 3.59 -14.25 35.94
CA ALA A 261 2.37 -14.75 36.60
C ALA A 261 1.13 -14.50 35.72
N MSE A 262 1.03 -13.31 35.13
CA MSE A 262 -0.14 -13.01 34.30
C MSE A 262 -0.21 -13.90 33.06
O MSE A 262 -1.30 -14.39 32.70
CB MSE A 262 -0.17 -11.56 33.88
CG MSE A 262 -1.42 -11.24 33.04
SE MSE A 262 -1.43 -9.40 32.56
CE MSE A 262 -1.96 -8.68 34.30
N ASN A 263 0.93 -14.13 32.41
CA ASN A 263 0.93 -15.05 31.29
C ASN A 263 0.57 -16.49 31.68
N LYS A 264 1.12 -16.98 32.79
CA LYS A 264 0.78 -18.34 33.25
C LYS A 264 -0.73 -18.47 33.46
N GLU A 265 -1.34 -17.44 34.05
CA GLU A 265 -2.77 -17.42 34.28
C GLU A 265 -3.57 -17.37 32.97
N PHE A 266 -3.16 -16.49 32.07
CA PHE A 266 -3.79 -16.33 30.75
C PHE A 266 -3.74 -17.62 29.92
N VAL A 267 -2.55 -18.19 29.79
CA VAL A 267 -2.36 -19.43 29.03
C VAL A 267 -3.20 -20.58 29.61
N ALA A 268 -3.14 -20.77 30.93
CA ALA A 268 -3.96 -21.80 31.58
C ALA A 268 -5.45 -21.55 31.35
N ALA A 269 -5.90 -20.30 31.48
CA ALA A 269 -7.32 -19.99 31.29
C ALA A 269 -7.77 -20.25 29.85
N TYR A 270 -6.93 -19.84 28.90
CA TYR A 270 -7.22 -20.01 27.49
C TYR A 270 -7.29 -21.49 27.12
N LYS A 271 -6.29 -22.25 27.57
CA LYS A 271 -6.26 -23.69 27.35
C LYS A 271 -7.48 -24.40 27.93
N LYS A 272 -7.88 -23.98 29.14
CA LYS A 272 -9.05 -24.57 29.81
C LYS A 272 -10.34 -24.29 29.05
N GLU A 273 -10.46 -23.08 28.52
CA GLU A 273 -11.72 -22.69 27.88
C GLU A 273 -11.80 -23.21 26.44
N PHE A 274 -10.68 -23.17 25.71
CA PHE A 274 -10.69 -23.45 24.27
C PHE A 274 -9.96 -24.73 23.85
N GLY A 275 -9.21 -25.33 24.78
CA GLY A 275 -8.53 -26.59 24.51
C GLY A 275 -7.32 -26.51 23.60
N GLN A 276 -6.73 -25.31 23.48
CA GLN A 276 -5.52 -25.11 22.68
C GLN A 276 -4.73 -23.94 23.25
N ARG A 277 -3.45 -23.90 22.92
CA ARG A 277 -2.54 -22.84 23.33
C ARG A 277 -2.87 -21.53 22.59
N PRO A 278 -2.89 -20.38 23.30
CA PRO A 278 -3.05 -19.11 22.57
C PRO A 278 -1.75 -18.73 21.85
N GLY A 279 -1.88 -18.12 20.68
CA GLY A 279 -0.71 -17.52 20.01
C GLY A 279 -0.70 -15.99 20.13
N PHE A 280 0.22 -15.38 19.40
CA PHE A 280 0.41 -13.94 19.47
C PHE A 280 -0.80 -13.15 18.95
N MSE A 281 -1.61 -13.75 18.09
CA MSE A 281 -2.86 -13.06 17.66
C MSE A 281 -3.90 -13.01 18.77
O MSE A 281 -4.64 -12.01 18.89
CB MSE A 281 -3.43 -13.70 16.39
CG MSE A 281 -2.53 -13.49 15.15
SE MSE A 281 -2.17 -11.56 14.87
CE MSE A 281 -1.63 -11.68 13.03
N ALA A 282 -3.97 -14.07 19.60
CA ALA A 282 -4.90 -14.07 20.74
C ALA A 282 -4.59 -12.90 21.68
N VAL A 283 -3.30 -12.67 21.93
N VAL A 283 -3.31 -12.66 21.96
CA VAL A 283 -2.89 -11.62 22.84
CA VAL A 283 -2.97 -11.57 22.90
C VAL A 283 -3.28 -10.25 22.31
C VAL A 283 -3.29 -10.20 22.31
N GLY A 284 -3.14 -10.06 21.00
CA GLY A 284 -3.55 -8.82 20.30
C GLY A 284 -5.00 -8.50 20.57
N GLY A 285 -5.85 -9.53 20.47
CA GLY A 285 -7.28 -9.41 20.79
C GLY A 285 -7.55 -9.13 22.26
N TYR A 286 -6.93 -9.91 23.14
CA TYR A 286 -7.07 -9.74 24.58
C TYR A 286 -6.78 -8.29 25.01
N ASP A 287 -5.66 -7.77 24.54
CA ASP A 287 -5.24 -6.42 24.91
C ASP A 287 -6.03 -5.32 24.19
N GLY A 288 -6.53 -5.63 22.99
CA GLY A 288 -7.38 -4.71 22.26
C GLY A 288 -8.68 -4.47 23.02
N ILE A 289 -9.30 -5.54 23.51
CA ILE A 289 -10.56 -5.37 24.25
C ILE A 289 -10.31 -4.75 25.64
N HIS A 290 -9.17 -5.08 26.26
CA HIS A 290 -8.78 -4.42 27.52
C HIS A 290 -8.69 -2.93 27.36
N LEU A 291 -8.05 -2.51 26.26
CA LEU A 291 -7.95 -1.10 25.91
C LEU A 291 -9.32 -0.40 25.82
N VAL A 292 -10.28 -1.03 25.17
CA VAL A 292 -11.65 -0.52 25.09
C VAL A 292 -12.29 -0.39 26.49
N PHE A 293 -12.23 -1.46 27.30
CA PHE A 293 -12.77 -1.40 28.67
C PHE A 293 -12.10 -0.25 29.43
N GLU A 294 -10.77 -0.21 29.41
CA GLU A 294 -10.05 0.78 30.22
C GLU A 294 -10.33 2.21 29.76
N ALA A 295 -10.44 2.40 28.44
CA ALA A 295 -10.80 3.71 27.88
C ALA A 295 -12.16 4.19 28.40
N LEU A 296 -13.16 3.32 28.29
CA LEU A 296 -14.50 3.60 28.82
C LEU A 296 -14.50 3.95 30.30
N LYS A 297 -13.71 3.21 31.08
CA LYS A 297 -13.52 3.53 32.48
C LYS A 297 -12.96 4.94 32.65
N LYS A 298 -11.90 5.25 31.90
CA LYS A 298 -11.22 6.55 31.99
C LYS A 298 -12.11 7.73 31.60
N THR A 299 -13.02 7.52 30.64
CA THR A 299 -13.90 8.60 30.16
C THR A 299 -15.15 8.74 31.03
N GLY A 300 -15.30 7.83 32.00
CA GLY A 300 -16.51 7.76 32.80
C GLY A 300 -17.71 7.38 31.94
N GLY A 301 -17.47 6.54 30.93
CA GLY A 301 -18.53 6.06 30.05
C GLY A 301 -18.89 6.90 28.84
N LYS A 302 -18.21 8.04 28.65
CA LYS A 302 -18.35 8.81 27.41
C LYS A 302 -17.89 7.92 26.25
N ALA A 303 -18.75 7.74 25.26
CA ALA A 303 -18.50 6.74 24.20
C ALA A 303 -18.16 7.32 22.83
N ASP A 304 -18.06 8.64 22.72
CA ASP A 304 -17.68 9.25 21.44
C ASP A 304 -16.21 8.99 21.12
N GLY A 305 -15.89 8.98 19.82
CA GLY A 305 -14.56 8.63 19.34
C GLY A 305 -13.43 9.51 19.87
N ASP A 306 -13.65 10.82 19.87
CA ASP A 306 -12.61 11.74 20.35
C ASP A 306 -12.23 11.50 21.82
N SER A 307 -13.23 11.31 22.68
CA SER A 307 -13.02 11.01 24.09
C SER A 307 -12.26 9.71 24.28
N LEU A 308 -12.68 8.67 23.55
CA LEU A 308 -12.04 7.37 23.64
C LEU A 308 -10.56 7.44 23.22
N ILE A 309 -10.28 8.06 22.08
CA ILE A 309 -8.91 8.19 21.56
C ILE A 309 -8.01 8.92 22.57
N ALA A 310 -8.51 10.03 23.11
CA ALA A 310 -7.81 10.81 24.12
C ALA A 310 -7.45 9.97 25.34
N ALA A 311 -8.38 9.14 25.81
CA ALA A 311 -8.11 8.25 26.93
C ALA A 311 -7.08 7.15 26.58
N MSE A 312 -7.15 6.64 25.35
CA MSE A 312 -6.26 5.56 24.89
C MSE A 312 -4.78 5.95 24.80
O MSE A 312 -3.91 5.16 25.15
CB MSE A 312 -6.74 4.97 23.57
CG MSE A 312 -8.03 4.20 23.72
SE MSE A 312 -8.78 3.62 22.05
CE MSE A 312 -10.36 2.70 22.73
N LYS A 313 -4.53 7.16 24.32
CA LYS A 313 -3.18 7.70 24.18
C LYS A 313 -2.46 7.71 25.52
N GLY A 314 -1.30 7.07 25.60
CA GLY A 314 -0.51 7.08 26.83
C GLY A 314 -0.90 6.02 27.86
N MSE A 315 -1.94 5.24 27.57
CA MSE A 315 -2.39 4.17 28.46
C MSE A 315 -1.30 3.10 28.55
O MSE A 315 -0.69 2.73 27.55
CB MSE A 315 -3.69 3.56 27.90
CG MSE A 315 -4.45 2.62 28.82
SE MSE A 315 -6.36 2.93 28.52
CE MSE A 315 -6.67 4.24 29.91
N LYS A 316 -1.05 2.63 29.77
CA LYS A 316 -0.08 1.55 29.99
C LYS A 316 -0.63 0.49 30.94
N TRP A 317 -0.28 -0.77 30.69
CA TRP A 317 -0.75 -1.86 31.56
C TRP A 317 0.09 -3.08 31.36
N GLU A 318 -0.03 -4.05 32.27
CA GLU A 318 0.65 -5.31 32.10
C GLU A 318 -0.21 -6.23 31.25
N SER A 319 0.38 -6.72 30.16
CA SER A 319 -0.25 -7.71 29.29
C SER A 319 0.38 -9.07 29.60
N PRO A 320 -0.31 -10.18 29.24
CA PRO A 320 0.36 -11.48 29.30
C PRO A 320 1.73 -11.47 28.60
N ARG A 321 1.92 -10.59 27.61
CA ARG A 321 3.21 -10.55 26.87
C ARG A 321 4.34 -9.80 27.59
N GLY A 322 3.97 -9.02 28.61
CA GLY A 322 4.87 -8.06 29.27
C GLY A 322 4.23 -6.68 29.40
N PRO A 323 4.98 -5.69 29.94
CA PRO A 323 4.40 -4.36 30.04
C PRO A 323 4.25 -3.75 28.65
N ILE A 324 3.08 -3.13 28.39
CA ILE A 324 2.84 -2.49 27.09
C ILE A 324 2.19 -1.14 27.32
N SER A 325 2.22 -0.29 26.29
CA SER A 325 1.56 1.02 26.33
C SER A 325 1.20 1.49 24.93
N ILE A 326 0.26 2.43 24.84
CA ILE A 326 -0.05 3.12 23.59
C ILE A 326 0.72 4.44 23.57
N ASP A 327 1.62 4.59 22.59
CA ASP A 327 2.39 5.82 22.42
C ASP A 327 1.43 7.01 22.22
N PRO A 328 1.48 8.01 23.11
CA PRO A 328 0.55 9.14 22.98
C PRO A 328 0.73 9.91 21.67
N GLU A 329 1.91 9.81 21.04
CA GLU A 329 2.18 10.54 19.80
C GLU A 329 1.76 9.77 18.55
N THR A 330 1.93 8.46 18.55
CA THR A 330 1.72 7.71 17.31
C THR A 330 0.47 6.84 17.34
N ARG A 331 -0.07 6.60 18.54
CA ARG A 331 -1.16 5.64 18.79
C ARG A 331 -0.75 4.19 18.50
N ASP A 332 0.55 3.96 18.38
CA ASP A 332 1.02 2.61 18.13
C ASP A 332 1.49 1.95 19.43
N ILE A 333 1.58 0.63 19.42
CA ILE A 333 1.96 -0.15 20.61
C ILE A 333 3.46 -0.08 20.91
N VAL A 334 3.78 0.17 22.17
CA VAL A 334 5.18 0.14 22.66
C VAL A 334 5.30 -1.07 23.57
N GLN A 335 6.31 -1.92 23.33
CA GLN A 335 6.36 -3.23 23.99
C GLN A 335 7.76 -3.82 23.95
N ASN A 336 8.05 -4.71 24.90
CA ASN A 336 9.26 -5.52 24.84
C ASN A 336 9.28 -6.36 23.57
N ILE A 337 10.48 -6.58 23.04
CA ILE A 337 10.71 -7.57 21.98
C ILE A 337 11.73 -8.56 22.54
N TYR A 338 11.38 -9.85 22.49
CA TYR A 338 12.22 -10.90 23.05
C TYR A 338 12.86 -11.65 21.91
N ILE A 339 14.01 -12.28 22.15
CA ILE A 339 14.54 -13.25 21.21
C ILE A 339 14.37 -14.62 21.84
N ARG A 340 13.91 -15.59 21.02
CA ARG A 340 13.52 -16.90 21.50
C ARG A 340 14.18 -18.01 20.67
N LYS A 341 14.30 -19.18 21.30
CA LYS A 341 14.75 -20.38 20.61
C LYS A 341 13.70 -21.46 20.84
N VAL A 342 13.36 -22.19 19.78
CA VAL A 342 12.38 -23.26 19.94
C VAL A 342 13.03 -24.42 20.68
N GLU A 343 12.45 -24.76 21.84
CA GLU A 343 12.93 -25.86 22.69
C GLU A 343 11.75 -26.73 23.09
N LYS A 344 12.03 -28.00 23.41
CA LYS A 344 11.00 -28.92 23.87
C LYS A 344 10.91 -28.95 25.40
N VAL A 345 9.73 -28.66 25.93
CA VAL A 345 9.48 -28.68 27.38
C VAL A 345 8.22 -29.49 27.63
N ASP A 346 8.32 -30.51 28.48
CA ASP A 346 7.18 -31.39 28.78
C ASP A 346 6.51 -31.90 27.51
N GLY A 347 7.34 -32.33 26.56
CA GLY A 347 6.87 -32.94 25.32
C GLY A 347 6.36 -32.00 24.23
N GLU A 348 6.35 -30.70 24.52
CA GLU A 348 5.81 -29.68 23.57
C GLU A 348 6.86 -28.68 23.15
N LEU A 349 6.76 -28.22 21.90
CA LEU A 349 7.65 -27.14 21.43
C LEU A 349 7.20 -25.78 21.97
N TYR A 350 8.16 -24.97 22.42
CA TYR A 350 7.90 -23.60 22.89
C TYR A 350 8.96 -22.65 22.37
N ASN A 351 8.55 -21.40 22.19
CA ASN A 351 9.49 -20.31 21.95
C ASN A 351 10.07 -19.83 23.28
N ILE A 352 11.25 -20.34 23.62
CA ILE A 352 11.83 -20.01 24.93
C ILE A 352 12.64 -18.74 24.84
N GLU A 353 12.20 -17.71 25.58
CA GLU A 353 12.82 -16.38 25.57
C GLU A 353 14.20 -16.41 26.24
N PHE A 354 15.22 -15.88 25.55
CA PHE A 354 16.56 -15.78 26.13
C PHE A 354 17.12 -14.36 26.10
N ALA A 355 16.41 -13.43 25.45
CA ALA A 355 16.84 -12.04 25.40
C ALA A 355 15.61 -11.14 25.42
N LYS A 356 15.77 -9.95 25.97
CA LYS A 356 14.68 -8.98 26.12
C LYS A 356 15.15 -7.55 25.82
N PHE A 357 14.45 -6.87 24.92
CA PHE A 357 14.72 -5.48 24.62
C PHE A 357 13.51 -4.68 25.07
N ASP A 358 13.73 -3.73 25.96
CA ASP A 358 12.63 -3.07 26.65
C ASP A 358 11.92 -2.01 25.83
N ALA A 359 10.57 -2.04 25.88
CA ALA A 359 9.74 -0.90 25.45
C ALA A 359 10.14 -0.38 24.07
N VAL A 360 10.08 -1.25 23.07
CA VAL A 360 10.52 -0.91 21.70
C VAL A 360 9.44 -0.15 20.93
N LYS A 361 9.73 1.10 20.54
CA LYS A 361 8.79 1.87 19.71
C LYS A 361 8.93 1.39 18.27
N ASP A 362 7.85 1.48 17.48
CA ASP A 362 7.92 1.14 16.06
C ASP A 362 9.07 1.87 15.36
N PRO A 363 10.09 1.11 14.88
CA PRO A 363 11.20 1.70 14.12
C PRO A 363 10.75 2.36 12.81
N GLY A 364 9.57 1.99 12.31
CA GLY A 364 9.04 2.60 11.09
C GLY A 364 8.53 4.03 11.27
N LYS A 365 8.49 4.52 12.50
CA LYS A 365 8.07 5.90 12.76
C LYS A 365 9.09 6.73 13.55
N THR A 366 10.03 6.07 14.24
CA THR A 366 11.03 6.76 15.08
C THR A 366 11.88 7.79 14.31
N GLU B 4 -15.42 33.63 1.13
CA GLU B 4 -15.54 35.09 0.86
C GLU B 4 -15.38 35.39 -0.65
N ASP B 5 -14.29 36.08 -1.01
CA ASP B 5 -13.97 36.41 -2.40
C ASP B 5 -12.82 35.55 -2.95
N THR B 6 -12.29 34.68 -2.11
CA THR B 6 -11.12 33.88 -2.47
C THR B 6 -11.43 32.39 -2.41
N PHE B 7 -10.77 31.65 -3.29
CA PHE B 7 -10.81 30.21 -3.28
C PHE B 7 -9.37 29.78 -3.47
N LYS B 8 -8.88 28.88 -2.61
CA LYS B 8 -7.47 28.51 -2.61
C LYS B 8 -7.24 27.05 -2.95
N VAL B 9 -6.26 26.79 -3.80
CA VAL B 9 -5.84 25.44 -4.19
C VAL B 9 -4.42 25.18 -3.67
N GLY B 10 -4.29 24.20 -2.77
CA GLY B 10 -2.98 23.78 -2.30
C GLY B 10 -2.41 22.70 -3.20
N LEU B 11 -1.38 23.05 -3.96
CA LEU B 11 -0.81 22.17 -4.99
C LEU B 11 0.47 21.54 -4.47
N ILE B 12 0.40 20.25 -4.15
CA ILE B 12 1.54 19.52 -3.57
C ILE B 12 2.06 18.51 -4.58
N VAL B 13 3.23 18.80 -5.13
CA VAL B 13 3.78 18.02 -6.25
C VAL B 13 5.30 17.97 -6.11
N PRO B 14 5.95 16.99 -6.76
CA PRO B 14 7.40 16.94 -6.69
C PRO B 14 8.06 17.90 -7.68
N MSE B 15 8.63 18.98 -7.15
CA MSE B 15 9.38 19.93 -7.97
C MSE B 15 10.87 19.60 -8.03
O MSE B 15 11.58 20.08 -8.91
CB MSE B 15 9.19 21.38 -7.47
CG MSE B 15 7.74 21.85 -7.44
SE MSE B 15 6.83 21.80 -9.18
CE MSE B 15 7.96 23.13 -10.07
N THR B 16 11.32 18.79 -7.07
CA THR B 16 12.70 18.32 -7.03
C THR B 16 12.70 16.81 -6.84
N GLY B 17 13.87 16.18 -7.00
CA GLY B 17 13.99 14.73 -6.82
C GLY B 17 13.63 13.95 -8.06
N GLY B 18 13.54 12.63 -7.93
CA GLY B 18 13.33 11.74 -9.07
C GLY B 18 12.12 12.06 -9.93
N GLN B 19 11.07 12.58 -9.32
CA GLN B 19 9.82 12.87 -10.05
C GLN B 19 9.62 14.37 -10.29
N ALA B 20 10.72 15.12 -10.29
CA ALA B 20 10.70 16.55 -10.62
C ALA B 20 9.97 16.84 -11.94
N SER B 21 10.13 15.97 -12.93
CA SER B 21 9.48 16.23 -14.23
C SER B 21 7.94 16.21 -14.14
N THR B 22 7.41 15.45 -13.19
CA THR B 22 5.95 15.41 -12.97
C THR B 22 5.44 16.74 -12.38
N GLY B 23 6.12 17.25 -11.36
CA GLY B 23 5.69 18.50 -10.71
C GLY B 23 5.79 19.67 -11.66
N LYS B 24 6.87 19.69 -12.42
CA LYS B 24 7.09 20.71 -13.45
C LYS B 24 5.94 20.74 -14.44
N GLN B 25 5.57 19.57 -14.93
CA GLN B 25 4.50 19.49 -15.93
C GLN B 25 3.16 19.94 -15.38
N ILE B 26 2.82 19.48 -14.17
CA ILE B 26 1.55 19.83 -13.54
C ILE B 26 1.49 21.34 -13.23
N ASP B 27 2.55 21.86 -12.64
CA ASP B 27 2.65 23.31 -12.36
C ASP B 27 2.51 24.16 -13.64
N ASN B 28 3.24 23.80 -14.69
CA ASN B 28 3.10 24.46 -16.02
C ASN B 28 1.69 24.41 -16.60
N ALA B 29 1.08 23.22 -16.58
CA ALA B 29 -0.23 23.06 -17.17
C ALA B 29 -1.27 23.91 -16.45
N ILE B 30 -1.15 24.01 -15.13
CA ILE B 30 -2.09 24.83 -14.35
C ILE B 30 -1.90 26.32 -14.64
N LYS B 31 -0.64 26.75 -14.76
CA LYS B 31 -0.31 28.11 -15.18
C LYS B 31 -0.91 28.41 -16.55
N LEU B 32 -0.78 27.45 -17.46
CA LEU B 32 -1.31 27.61 -18.81
C LEU B 32 -2.84 27.71 -18.83
N TYR B 33 -3.52 26.87 -18.05
CA TYR B 33 -4.96 26.91 -17.96
C TYR B 33 -5.43 28.30 -17.49
N ILE B 34 -4.77 28.82 -16.46
CA ILE B 34 -5.14 30.12 -15.88
C ILE B 34 -4.83 31.27 -16.84
N LYS B 35 -3.69 31.17 -17.53
CA LYS B 35 -3.37 32.10 -18.61
C LYS B 35 -4.49 32.16 -19.65
N LYS B 36 -5.08 31.00 -19.97
CA LYS B 36 -6.07 30.94 -21.02
C LYS B 36 -7.51 31.20 -20.55
N HIS B 37 -7.82 30.85 -19.30
CA HIS B 37 -9.18 30.97 -18.78
C HIS B 37 -9.33 32.06 -17.76
N GLY B 38 -8.24 32.59 -17.25
CA GLY B 38 -8.30 33.61 -16.19
C GLY B 38 -8.35 32.92 -14.84
N ASP B 39 -8.46 33.71 -13.78
CA ASP B 39 -8.38 33.16 -12.42
C ASP B 39 -9.63 33.41 -11.56
N THR B 40 -10.76 33.73 -12.20
CA THR B 40 -11.97 34.07 -11.46
C THR B 40 -13.19 33.26 -11.90
N VAL B 41 -13.83 32.58 -10.94
CA VAL B 41 -15.03 31.78 -11.21
C VAL B 41 -16.10 32.05 -10.16
N ALA B 42 -17.35 32.21 -10.60
CA ALA B 42 -18.50 32.47 -9.72
C ALA B 42 -18.18 33.52 -8.65
N GLY B 43 -17.49 34.57 -9.09
CA GLY B 43 -17.17 35.70 -8.21
C GLY B 43 -15.96 35.52 -7.32
N LYS B 44 -15.33 34.35 -7.40
CA LYS B 44 -14.18 34.06 -6.54
C LYS B 44 -12.88 34.02 -7.32
N LYS B 45 -11.84 34.62 -6.75
CA LYS B 45 -10.50 34.58 -7.33
C LYS B 45 -9.77 33.34 -6.83
N ILE B 46 -9.27 32.55 -7.77
CA ILE B 46 -8.52 31.33 -7.47
C ILE B 46 -7.07 31.68 -7.20
N GLU B 47 -6.54 31.18 -6.08
CA GLU B 47 -5.12 31.26 -5.78
C GLU B 47 -4.55 29.84 -5.67
N VAL B 48 -3.47 29.58 -6.41
CA VAL B 48 -2.80 28.28 -6.37
C VAL B 48 -1.51 28.43 -5.57
N ILE B 49 -1.42 27.70 -4.46
CA ILE B 49 -0.23 27.70 -3.60
C ILE B 49 0.59 26.43 -3.83
N LEU B 50 1.78 26.57 -4.42
CA LEU B 50 2.65 25.45 -4.75
C LEU B 50 3.53 25.05 -3.57
N LYS B 51 3.56 23.74 -3.27
CA LYS B 51 4.46 23.17 -2.27
C LYS B 51 5.17 21.95 -2.86
N ASP B 52 6.50 21.94 -2.77
CA ASP B 52 7.32 20.85 -3.27
C ASP B 52 7.46 19.77 -2.19
N ASP B 53 6.89 18.59 -2.42
CA ASP B 53 7.06 17.47 -1.47
C ASP B 53 8.24 16.55 -1.82
N ALA B 54 8.88 16.80 -2.96
CA ALA B 54 9.92 15.92 -3.50
C ALA B 54 9.48 14.44 -3.60
N ALA B 55 8.16 14.21 -3.70
CA ALA B 55 7.60 12.84 -3.77
C ALA B 55 7.90 12.04 -2.50
N ILE B 56 8.25 12.73 -1.41
CA ILE B 56 8.47 12.09 -0.11
C ILE B 56 7.18 12.18 0.73
N PRO B 57 6.56 11.03 1.03
CA PRO B 57 5.22 11.03 1.65
C PRO B 57 5.13 11.71 3.03
N ASP B 58 6.22 11.68 3.79
N ASP B 58 6.22 11.69 3.79
CA ASP B 58 6.28 12.41 5.07
CA ASP B 58 6.24 12.42 5.05
C ASP B 58 6.15 13.92 4.83
C ASP B 58 6.12 13.93 4.81
N ASN B 59 6.77 14.40 3.75
CA ASN B 59 6.64 15.80 3.32
C ASN B 59 5.23 16.10 2.82
N THR B 60 4.66 15.19 2.03
CA THR B 60 3.31 15.37 1.50
C THR B 60 2.32 15.59 2.66
N LYS B 61 2.43 14.74 3.69
CA LYS B 61 1.51 14.81 4.82
C LYS B 61 1.66 16.14 5.58
N ARG B 62 2.90 16.55 5.82
CA ARG B 62 3.19 17.78 6.54
C ARG B 62 2.71 19.00 5.75
N LEU B 63 2.93 18.99 4.44
CA LEU B 63 2.50 20.09 3.60
C LEU B 63 0.97 20.19 3.51
N ALA B 64 0.30 19.05 3.37
CA ALA B 64 -1.16 19.02 3.32
C ALA B 64 -1.77 19.59 4.62
N GLN B 65 -1.12 19.27 5.75
CA GLN B 65 -1.50 19.76 7.07
C GLN B 65 -1.42 21.28 7.13
N GLU B 66 -0.27 21.83 6.73
CA GLU B 66 -0.05 23.29 6.68
C GLU B 66 -1.07 23.99 5.80
N LEU B 67 -1.29 23.45 4.60
CA LEU B 67 -2.19 24.07 3.62
C LEU B 67 -3.63 24.11 4.11
N ILE B 68 -4.07 22.99 4.69
CA ILE B 68 -5.44 22.88 5.20
C ILE B 68 -5.65 23.69 6.48
N VAL B 69 -4.68 23.65 7.39
CA VAL B 69 -4.81 24.27 8.71
C VAL B 69 -4.34 25.72 8.76
N ASN B 70 -3.12 25.99 8.27
CA ASN B 70 -2.60 27.35 8.26
C ASN B 70 -3.15 28.19 7.10
N ASP B 71 -3.06 27.67 5.88
CA ASP B 71 -3.49 28.44 4.69
C ASP B 71 -4.99 28.36 4.42
N LYS B 72 -5.67 27.44 5.08
CA LYS B 72 -7.12 27.26 4.97
C LYS B 72 -7.58 26.99 3.54
N VAL B 73 -6.84 26.18 2.79
CA VAL B 73 -7.17 25.92 1.39
C VAL B 73 -8.50 25.17 1.26
N ASN B 74 -9.14 25.33 0.11
CA ASN B 74 -10.42 24.71 -0.15
C ASN B 74 -10.24 23.35 -0.77
N VAL B 75 -9.13 23.17 -1.48
N VAL B 75 -9.11 23.16 -1.43
CA VAL B 75 -8.80 21.90 -2.13
CA VAL B 75 -8.79 21.96 -2.20
C VAL B 75 -7.31 21.70 -2.06
C VAL B 75 -7.29 21.70 -2.10
N ILE B 76 -6.91 20.43 -2.03
CA ILE B 76 -5.51 20.07 -2.20
C ILE B 76 -5.43 19.27 -3.50
N ALA B 77 -4.32 19.41 -4.20
CA ALA B 77 -4.21 18.84 -5.54
C ALA B 77 -2.78 18.44 -5.85
N GLY B 78 -2.62 17.53 -6.80
CA GLY B 78 -1.28 17.14 -7.26
C GLY B 78 -1.09 15.65 -7.03
N PHE B 79 -0.13 15.32 -6.17
CA PHE B 79 0.16 13.96 -5.70
C PHE B 79 0.85 13.11 -6.77
N GLY B 80 2.16 13.34 -6.87
CA GLY B 80 3.00 12.83 -7.94
C GLY B 80 3.19 11.34 -8.00
N ILE B 81 3.12 10.68 -6.82
CA ILE B 81 3.25 9.23 -6.72
C ILE B 81 2.18 8.71 -5.78
N THR B 82 1.89 7.43 -5.86
CA THR B 82 0.83 6.81 -5.07
C THR B 82 1.01 7.06 -3.54
N PRO B 83 2.23 6.80 -3.00
CA PRO B 83 2.40 7.09 -1.57
C PRO B 83 2.02 8.53 -1.16
N ALA B 84 2.22 9.52 -2.04
CA ALA B 84 1.85 10.91 -1.74
C ALA B 84 0.34 11.08 -1.61
N ALA B 85 -0.39 10.53 -2.59
CA ALA B 85 -1.85 10.55 -2.57
C ALA B 85 -2.39 9.91 -1.28
N LEU B 86 -1.87 8.72 -0.95
CA LEU B 86 -2.30 7.99 0.25
C LEU B 86 -1.92 8.70 1.55
N ALA B 87 -0.79 9.43 1.55
CA ALA B 87 -0.37 10.16 2.76
C ALA B 87 -1.36 11.26 3.12
N ALA B 88 -1.95 11.89 2.10
CA ALA B 88 -2.79 13.05 2.29
C ALA B 88 -4.26 12.68 2.54
N ALA B 89 -4.64 11.46 2.16
CA ALA B 89 -6.03 11.01 2.21
C ALA B 89 -6.71 11.15 3.58
N PRO B 90 -6.01 10.77 4.70
CA PRO B 90 -6.65 10.93 6.02
C PRO B 90 -7.06 12.38 6.33
N LEU B 91 -6.19 13.34 6.00
CA LEU B 91 -6.47 14.77 6.24
C LEU B 91 -7.60 15.31 5.36
N ALA B 92 -7.63 14.88 4.10
CA ALA B 92 -8.69 15.23 3.17
C ALA B 92 -10.03 14.77 3.74
N THR B 93 -10.07 13.55 4.28
CA THR B 93 -11.30 13.01 4.85
C THR B 93 -11.69 13.78 6.11
N GLN B 94 -10.73 13.99 7.00
CA GLN B 94 -10.99 14.66 8.28
C GLN B 94 -11.47 16.10 8.07
N ALA B 95 -10.78 16.85 7.21
CA ALA B 95 -11.14 18.24 6.94
C ALA B 95 -12.24 18.43 5.88
N LYS B 96 -12.69 17.34 5.26
CA LYS B 96 -13.71 17.39 4.19
C LYS B 96 -13.25 18.32 3.07
N VAL B 97 -12.02 18.12 2.65
CA VAL B 97 -11.40 18.93 1.61
C VAL B 97 -11.13 18.02 0.41
N PRO B 98 -11.65 18.38 -0.78
CA PRO B 98 -11.37 17.58 -1.99
C PRO B 98 -9.86 17.42 -2.24
N GLU B 99 -9.47 16.21 -2.60
CA GLU B 99 -8.08 15.89 -2.92
C GLU B 99 -8.08 15.48 -4.39
N ILE B 100 -7.50 16.32 -5.24
CA ILE B 100 -7.58 16.10 -6.69
C ILE B 100 -6.29 15.45 -7.12
N VAL B 101 -6.37 14.17 -7.46
CA VAL B 101 -5.18 13.42 -7.82
C VAL B 101 -4.90 13.59 -9.32
N MSE B 102 -3.79 14.27 -9.64
CA MSE B 102 -3.48 14.68 -11.02
C MSE B 102 -2.39 13.82 -11.66
O MSE B 102 -2.10 13.97 -12.86
CB MSE B 102 -3.07 16.16 -11.07
CG MSE B 102 -4.19 17.16 -10.68
SE MSE B 102 -3.35 18.81 -10.23
CE MSE B 102 -4.92 19.98 -10.30
N ALA B 103 -1.80 12.92 -10.87
CA ALA B 103 -0.71 12.08 -11.36
C ALA B 103 -0.87 10.61 -10.95
N ALA B 104 -0.90 10.33 -9.64
CA ALA B 104 -0.80 8.95 -9.13
C ALA B 104 -1.85 8.01 -9.75
N GLY B 105 -1.43 6.79 -10.11
CA GLY B 105 -2.27 5.87 -10.91
C GLY B 105 -2.62 4.50 -10.35
N THR B 106 -2.52 4.32 -9.04
CA THR B 106 -2.93 3.05 -8.41
C THR B 106 -4.45 3.02 -8.24
N SER B 107 -5.08 1.90 -8.64
CA SER B 107 -6.54 1.79 -8.69
C SER B 107 -7.21 2.13 -7.36
N ILE B 108 -6.65 1.61 -6.26
CA ILE B 108 -7.23 1.73 -4.91
C ILE B 108 -7.34 3.16 -4.34
N ILE B 109 -6.57 4.10 -4.90
CA ILE B 109 -6.47 5.46 -4.34
C ILE B 109 -7.84 6.13 -4.09
N THR B 110 -8.76 6.05 -5.05
CA THR B 110 -10.07 6.71 -4.88
C THR B 110 -10.90 6.08 -3.76
N GLU B 111 -10.62 4.82 -3.40
CA GLU B 111 -11.32 4.15 -2.29
C GLU B 111 -10.80 4.60 -0.92
N ARG B 112 -9.70 5.34 -0.88
CA ARG B 112 -9.07 5.71 0.38
C ARG B 112 -9.57 7.01 1.01
N SER B 113 -10.46 7.72 0.30
CA SER B 113 -11.14 8.89 0.86
C SER B 113 -12.34 9.21 0.00
N PRO B 114 -13.50 9.52 0.62
CA PRO B 114 -14.64 9.92 -0.20
C PRO B 114 -14.48 11.31 -0.82
N TYR B 115 -13.39 12.01 -0.47
CA TYR B 115 -13.08 13.34 -1.01
C TYR B 115 -12.00 13.33 -2.11
N ILE B 116 -11.55 12.14 -2.49
CA ILE B 116 -10.59 12.04 -3.59
C ILE B 116 -11.32 11.99 -4.95
N VAL B 117 -10.84 12.79 -5.91
N VAL B 117 -10.84 12.79 -5.90
CA VAL B 117 -11.28 12.70 -7.32
CA VAL B 117 -11.26 12.65 -7.30
C VAL B 117 -10.02 12.70 -8.20
C VAL B 117 -10.00 12.64 -8.15
N ARG B 118 -9.99 11.84 -9.21
CA ARG B 118 -8.77 11.68 -10.00
C ARG B 118 -8.94 12.11 -11.46
N THR B 119 -7.96 12.86 -11.97
CA THR B 119 -7.98 13.31 -13.38
C THR B 119 -6.78 12.79 -14.18
N SER B 120 -6.04 11.83 -13.62
CA SER B 120 -4.91 11.23 -14.32
C SER B 120 -5.34 9.93 -15.03
N PHE B 121 -5.21 8.78 -14.36
CA PHE B 121 -5.42 7.46 -14.98
C PHE B 121 -5.31 6.42 -13.90
N THR B 122 -5.63 5.17 -14.24
CA THR B 122 -5.10 4.06 -13.43
C THR B 122 -4.22 3.20 -14.35
N LEU B 123 -3.20 2.57 -13.79
CA LEU B 123 -2.35 1.67 -14.56
C LEU B 123 -3.19 0.53 -15.17
N ALA B 124 -4.21 0.07 -14.43
CA ALA B 124 -5.10 -0.99 -14.94
C ALA B 124 -5.76 -0.62 -16.27
N GLN B 125 -6.14 0.66 -16.44
CA GLN B 125 -6.84 1.10 -17.66
C GLN B 125 -6.01 0.80 -18.92
N SER B 126 -4.71 1.07 -18.82
CA SER B 126 -3.80 0.88 -19.96
C SER B 126 -3.27 -0.55 -20.02
N SER B 127 -3.09 -1.17 -18.86
CA SER B 127 -2.42 -2.47 -18.81
C SER B 127 -3.32 -3.58 -19.40
N ILE B 128 -4.63 -3.50 -19.19
CA ILE B 128 -5.54 -4.51 -19.77
C ILE B 128 -5.53 -4.42 -21.30
N ILE B 129 -5.36 -3.19 -21.81
CA ILE B 129 -5.43 -2.95 -23.26
C ILE B 129 -4.17 -3.48 -23.95
N ILE B 130 -3.01 -3.15 -23.42
CA ILE B 130 -1.76 -3.65 -24.00
C ILE B 130 -1.65 -5.19 -23.81
N GLY B 131 -2.22 -5.71 -22.73
CA GLY B 131 -2.28 -7.16 -22.50
C GLY B 131 -3.06 -7.90 -23.59
N ASP B 132 -4.28 -7.42 -23.86
CA ASP B 132 -5.11 -7.99 -24.95
C ASP B 132 -4.42 -7.87 -26.31
N TRP B 133 -3.82 -6.71 -26.57
CA TRP B 133 -3.19 -6.44 -27.86
C TRP B 133 -2.01 -7.36 -28.12
N ALA B 134 -1.14 -7.52 -27.11
CA ALA B 134 0.04 -8.38 -27.21
C ALA B 134 -0.34 -9.82 -27.55
N ALA B 135 -1.33 -10.36 -26.84
CA ALA B 135 -1.83 -11.72 -27.10
C ALA B 135 -2.39 -11.87 -28.52
N LYS B 136 -3.21 -10.90 -28.94
CA LYS B 136 -3.84 -10.97 -30.28
C LYS B 136 -2.83 -10.76 -31.40
N ASN B 137 -1.67 -10.18 -31.08
CA ASN B 137 -0.68 -9.92 -32.10
C ASN B 137 0.52 -10.85 -32.10
N GLY B 138 0.30 -12.09 -31.67
CA GLY B 138 1.30 -13.15 -31.79
C GLY B 138 2.55 -13.00 -30.94
N ILE B 139 2.49 -12.17 -29.91
CA ILE B 139 3.58 -12.14 -28.93
C ILE B 139 3.32 -13.29 -27.94
N LYS B 140 4.23 -14.25 -27.88
CA LYS B 140 4.02 -15.48 -27.08
C LYS B 140 4.66 -15.47 -25.68
N LYS B 141 5.92 -15.03 -25.59
CA LYS B 141 6.67 -15.05 -24.34
C LYS B 141 7.12 -13.63 -23.98
N VAL B 142 6.73 -13.18 -22.78
CA VAL B 142 7.04 -11.83 -22.33
C VAL B 142 7.76 -11.85 -20.99
N ALA B 143 8.82 -11.05 -20.88
CA ALA B 143 9.44 -10.78 -19.58
C ALA B 143 8.97 -9.40 -19.11
N THR B 144 8.70 -9.27 -17.81
CA THR B 144 8.23 -7.99 -17.28
C THR B 144 9.31 -7.30 -16.45
N LEU B 145 9.36 -5.98 -16.60
CA LEU B 145 10.15 -5.11 -15.73
C LEU B 145 9.22 -4.02 -15.21
N THR B 146 9.01 -4.02 -13.89
CA THR B 146 8.11 -3.03 -13.30
C THR B 146 8.69 -2.42 -12.05
N SER B 147 8.50 -1.12 -11.88
N SER B 147 8.49 -1.12 -11.90
CA SER B 147 8.86 -0.43 -10.66
CA SER B 147 8.84 -0.39 -10.69
C SER B 147 8.22 -1.11 -9.46
C SER B 147 8.21 -1.06 -9.46
N ASP B 148 9.04 -1.32 -8.44
CA ASP B 148 8.65 -2.09 -7.27
C ASP B 148 7.81 -1.34 -6.23
N TYR B 149 6.67 -0.80 -6.65
CA TYR B 149 5.71 -0.22 -5.72
C TYR B 149 4.31 -0.29 -6.35
N ALA B 150 3.29 0.20 -5.64
CA ALA B 150 1.88 -0.04 -6.00
C ALA B 150 1.47 0.03 -7.50
N PRO B 151 1.77 1.13 -8.21
CA PRO B 151 1.29 1.19 -9.60
C PRO B 151 1.95 0.13 -10.49
N GLY B 152 3.22 -0.19 -10.21
CA GLY B 152 3.95 -1.26 -10.94
C GLY B 152 3.29 -2.61 -10.71
N ASN B 153 2.86 -2.85 -9.47
CA ASN B 153 2.13 -4.07 -9.15
C ASN B 153 0.76 -4.15 -9.83
N ASP B 154 0.06 -3.02 -9.93
CA ASP B 154 -1.18 -2.95 -10.70
C ASP B 154 -0.92 -3.26 -12.17
N ALA B 155 0.11 -2.60 -12.72
CA ALA B 155 0.49 -2.77 -14.13
C ALA B 155 0.74 -4.23 -14.43
N LEU B 156 1.58 -4.85 -13.60
CA LEU B 156 1.92 -6.27 -13.76
C LEU B 156 0.70 -7.18 -13.67
N ALA B 157 -0.13 -6.98 -12.63
CA ALA B 157 -1.30 -7.83 -12.39
C ALA B 157 -2.31 -7.79 -13.53
N PHE B 158 -2.65 -6.60 -14.02
CA PHE B 158 -3.66 -6.48 -15.05
C PHE B 158 -3.16 -6.86 -16.43
N PHE B 159 -1.87 -6.61 -16.68
CA PHE B 159 -1.28 -7.07 -17.92
C PHE B 159 -1.27 -8.59 -17.95
N LYS B 160 -0.80 -9.17 -16.85
CA LYS B 160 -0.67 -10.63 -16.75
C LYS B 160 -2.03 -11.30 -16.97
N GLU B 161 -3.07 -10.79 -16.30
CA GLU B 161 -4.41 -11.35 -16.42
C GLU B 161 -4.87 -11.44 -17.87
N ARG B 162 -4.74 -10.33 -18.60
CA ARG B 162 -5.25 -10.27 -19.96
C ARG B 162 -4.35 -10.98 -20.96
N PHE B 163 -3.04 -10.83 -20.78
CA PHE B 163 -2.08 -11.47 -21.68
C PHE B 163 -2.15 -12.99 -21.58
N THR B 164 -2.18 -13.51 -20.36
CA THR B 164 -2.27 -14.97 -20.17
C THR B 164 -3.65 -15.49 -20.61
N ALA B 165 -4.71 -14.73 -20.34
CA ALA B 165 -6.05 -15.10 -20.80
C ALA B 165 -6.11 -15.26 -22.33
N GLY B 166 -5.25 -14.53 -23.03
CA GLY B 166 -5.18 -14.63 -24.49
C GLY B 166 -4.15 -15.63 -25.02
N GLY B 167 -3.58 -16.46 -24.14
CA GLY B 167 -2.63 -17.48 -24.54
C GLY B 167 -1.16 -17.11 -24.40
N GLY B 168 -0.91 -15.91 -23.86
CA GLY B 168 0.48 -15.47 -23.65
C GLY B 168 1.08 -16.12 -22.41
N GLU B 169 2.41 -16.16 -22.37
CA GLU B 169 3.15 -16.69 -21.22
C GLU B 169 4.12 -15.63 -20.69
N ILE B 170 4.10 -15.40 -19.38
CA ILE B 170 5.10 -14.57 -18.72
C ILE B 170 6.29 -15.45 -18.31
N VAL B 171 7.46 -15.17 -18.87
CA VAL B 171 8.63 -16.05 -18.63
C VAL B 171 9.47 -15.63 -17.41
N GLU B 172 9.41 -14.36 -17.04
CA GLU B 172 9.99 -13.91 -15.79
C GLU B 172 9.57 -12.49 -15.45
N GLU B 173 9.44 -12.21 -14.16
CA GLU B 173 9.02 -10.92 -13.65
C GLU B 173 10.13 -10.31 -12.81
N ILE B 174 10.64 -9.15 -13.22
CA ILE B 174 11.73 -8.46 -12.55
C ILE B 174 11.20 -7.12 -12.01
N LYS B 175 11.58 -6.75 -10.79
CA LYS B 175 11.15 -5.47 -10.23
C LYS B 175 12.34 -4.61 -9.87
N VAL B 176 12.26 -3.31 -10.13
CA VAL B 176 13.34 -2.38 -9.77
C VAL B 176 12.84 -1.29 -8.83
N PRO B 177 13.74 -0.75 -7.96
CA PRO B 177 13.31 0.29 -7.02
C PRO B 177 12.83 1.55 -7.72
N LEU B 178 11.89 2.25 -7.10
CA LEU B 178 11.47 3.57 -7.55
C LEU B 178 12.68 4.51 -7.57
N ALA B 179 13.48 4.46 -6.51
CA ALA B 179 14.60 5.38 -6.36
C ALA B 179 15.83 4.81 -7.02
N ASN B 180 16.45 5.60 -7.91
CA ASN B 180 17.72 5.23 -8.56
C ASN B 180 17.76 3.81 -9.13
N PRO B 181 16.81 3.48 -10.00
CA PRO B 181 16.83 2.13 -10.54
C PRO B 181 18.04 1.92 -11.46
N ASP B 182 18.63 0.72 -11.43
CA ASP B 182 19.67 0.33 -12.36
C ASP B 182 19.05 -0.71 -13.26
N PHE B 183 18.83 -0.34 -14.53
CA PHE B 183 18.17 -1.21 -15.48
C PHE B 183 19.13 -2.19 -16.13
N ALA B 184 20.43 -1.96 -15.98
CA ALA B 184 21.43 -2.79 -16.66
C ALA B 184 21.31 -4.32 -16.43
N PRO B 185 21.15 -4.78 -15.17
CA PRO B 185 20.95 -6.23 -14.92
C PRO B 185 19.78 -6.89 -15.68
N PHE B 186 18.57 -6.31 -15.62
CA PHE B 186 17.42 -6.83 -16.41
C PHE B 186 17.75 -6.87 -17.90
N LEU B 187 18.32 -5.78 -18.39
CA LEU B 187 18.62 -5.67 -19.82
C LEU B 187 19.65 -6.70 -20.27
N GLN B 188 20.60 -6.99 -19.38
CA GLN B 188 21.59 -8.06 -19.61
C GLN B 188 20.92 -9.43 -19.74
N ARG B 189 20.01 -9.74 -18.82
CA ARG B 189 19.18 -10.97 -18.89
C ARG B 189 18.45 -11.07 -20.22
N MSE B 190 17.86 -9.96 -20.65
CA MSE B 190 17.12 -9.90 -21.89
C MSE B 190 17.97 -10.32 -23.08
O MSE B 190 17.53 -11.11 -23.91
CB MSE B 190 16.57 -8.49 -22.12
CG MSE B 190 15.42 -8.10 -21.18
SE MSE B 190 13.89 -9.30 -21.36
CE MSE B 190 14.44 -10.76 -20.15
N LYS B 191 19.19 -9.79 -23.14
CA LYS B 191 20.09 -10.10 -24.25
C LYS B 191 20.36 -11.60 -24.34
N ASP B 192 20.42 -12.25 -23.18
CA ASP B 192 20.64 -13.69 -23.07
C ASP B 192 19.36 -14.53 -23.22
N ALA B 193 18.26 -14.08 -22.60
CA ALA B 193 17.01 -14.87 -22.54
C ALA B 193 16.13 -14.72 -23.77
N LYS B 194 16.26 -13.59 -24.45
CA LYS B 194 15.49 -13.24 -25.65
C LYS B 194 14.02 -13.69 -25.63
N PRO B 195 13.19 -13.05 -24.78
CA PRO B 195 11.74 -13.27 -24.90
C PRO B 195 11.25 -12.56 -26.18
N ASP B 196 9.98 -12.76 -26.54
CA ASP B 196 9.39 -12.08 -27.69
C ASP B 196 9.31 -10.57 -27.45
N ALA B 197 8.95 -10.19 -26.23
CA ALA B 197 8.81 -8.79 -25.86
C ALA B 197 9.12 -8.59 -24.38
N MSE B 198 9.49 -7.37 -24.01
CA MSE B 198 9.55 -6.96 -22.62
C MSE B 198 8.40 -5.98 -22.33
O MSE B 198 8.18 -5.02 -23.09
CB MSE B 198 10.90 -6.33 -22.27
CG MSE B 198 11.32 -5.24 -23.22
SE MSE B 198 13.10 -4.62 -22.85
CE MSE B 198 14.07 -6.01 -23.83
N PHE B 199 7.66 -6.24 -21.25
CA PHE B 199 6.63 -5.32 -20.78
C PHE B 199 7.30 -4.45 -19.72
N VAL B 200 7.26 -3.13 -19.90
CA VAL B 200 7.99 -2.21 -19.04
C VAL B 200 7.05 -1.16 -18.43
N PHE B 201 6.97 -1.12 -17.11
CA PHE B 201 6.44 0.06 -16.44
C PHE B 201 7.52 0.71 -15.60
N VAL B 202 7.81 1.99 -15.89
CA VAL B 202 8.59 2.85 -15.00
C VAL B 202 7.82 4.19 -14.95
N PRO B 203 7.90 4.93 -13.83
CA PRO B 203 7.11 6.15 -13.70
C PRO B 203 7.54 7.21 -14.69
N ALA B 204 6.69 8.20 -14.94
CA ALA B 204 7.04 9.40 -15.69
C ALA B 204 8.41 9.88 -15.20
N GLY B 205 9.29 10.21 -16.14
CA GLY B 205 10.62 10.70 -15.80
C GLY B 205 11.73 9.68 -15.96
N GLN B 206 11.40 8.39 -16.01
CA GLN B 206 12.45 7.34 -16.05
C GLN B 206 12.65 6.64 -17.41
N GLY B 207 11.69 6.81 -18.32
CA GLY B 207 11.74 6.15 -19.63
C GLY B 207 12.97 6.45 -20.48
N GLY B 208 13.46 7.69 -20.40
CA GLY B 208 14.67 8.08 -21.12
C GLY B 208 15.89 7.31 -20.63
N ASN B 209 16.04 7.23 -19.31
CA ASN B 209 17.14 6.47 -18.71
C ASN B 209 17.05 5.01 -19.11
N PHE B 210 15.85 4.45 -19.08
CA PHE B 210 15.64 3.07 -19.51
C PHE B 210 16.09 2.88 -20.96
N MSE B 211 15.62 3.75 -21.85
CA MSE B 211 15.93 3.60 -23.28
C MSE B 211 17.41 3.79 -23.56
O MSE B 211 17.97 3.10 -24.43
CB MSE B 211 15.07 4.54 -24.14
CG MSE B 211 13.60 4.08 -24.27
SE MSE B 211 13.34 2.21 -24.86
CE MSE B 211 14.34 2.37 -26.50
N LYS B 212 18.06 4.68 -22.82
CA LYS B 212 19.51 4.87 -22.93
C LYS B 212 20.29 3.58 -22.63
N GLN B 213 19.90 2.89 -21.56
CA GLN B 213 20.58 1.63 -21.20
C GLN B 213 20.19 0.51 -22.16
N PHE B 214 18.95 0.55 -22.62
CA PHE B 214 18.44 -0.35 -23.65
C PHE B 214 19.31 -0.25 -24.92
N ALA B 215 19.54 0.95 -25.42
CA ALA B 215 20.34 1.14 -26.63
C ALA B 215 21.82 0.85 -26.37
N GLU B 216 22.32 1.14 -25.16
CA GLU B 216 23.72 0.82 -24.82
C GLU B 216 24.01 -0.68 -24.84
N ARG B 217 23.02 -1.49 -24.46
CA ARG B 217 23.16 -2.95 -24.51
C ARG B 217 22.81 -3.51 -25.90
N GLY B 218 22.46 -2.62 -26.83
CA GLY B 218 22.22 -2.98 -28.23
C GLY B 218 20.92 -3.71 -28.52
N LEU B 219 19.98 -3.62 -27.58
CA LEU B 219 18.74 -4.40 -27.66
C LEU B 219 17.79 -3.98 -28.78
N ASP B 220 17.98 -2.76 -29.31
CA ASP B 220 17.25 -2.32 -30.50
C ASP B 220 17.54 -3.21 -31.71
N LYS B 221 18.65 -3.95 -31.66
CA LYS B 221 19.01 -4.86 -32.74
C LYS B 221 18.66 -6.33 -32.45
N SER B 222 18.10 -6.60 -31.27
CA SER B 222 17.88 -7.98 -30.80
C SER B 222 16.58 -8.63 -31.28
N GLY B 223 15.70 -7.85 -31.90
CA GLY B 223 14.37 -8.34 -32.24
C GLY B 223 13.43 -8.49 -31.05
N ILE B 224 13.84 -8.08 -29.85
CA ILE B 224 12.90 -8.06 -28.71
C ILE B 224 12.04 -6.79 -28.76
N LYS B 225 10.72 -6.95 -28.81
CA LYS B 225 9.81 -5.81 -28.85
C LYS B 225 9.65 -5.22 -27.46
N VAL B 226 9.40 -3.93 -27.38
CA VAL B 226 9.14 -3.24 -26.13
C VAL B 226 7.68 -2.85 -26.11
N ILE B 227 6.97 -3.27 -25.06
CA ILE B 227 5.56 -2.91 -24.89
C ILE B 227 5.32 -2.40 -23.46
N GLY B 228 4.20 -1.73 -23.24
CA GLY B 228 3.81 -1.36 -21.88
C GLY B 228 2.65 -0.39 -21.84
N PRO B 229 2.28 0.06 -20.62
CA PRO B 229 1.48 1.28 -20.54
C PRO B 229 2.37 2.45 -21.03
N GLY B 230 1.81 3.63 -21.29
CA GLY B 230 2.58 4.68 -21.96
C GLY B 230 3.60 5.42 -21.11
N ASP B 231 3.68 5.10 -19.82
CA ASP B 231 4.55 5.83 -18.89
C ASP B 231 5.99 5.86 -19.36
N VAL B 232 6.52 4.72 -19.78
CA VAL B 232 7.90 4.61 -20.30
C VAL B 232 8.13 5.52 -21.55
N MSE B 233 7.11 5.67 -22.40
CA MSE B 233 7.16 6.57 -23.58
C MSE B 233 6.55 7.95 -23.27
O MSE B 233 5.76 8.50 -24.06
CB MSE B 233 6.43 5.96 -24.79
CG MSE B 233 7.13 4.72 -25.42
SE MSE B 233 8.97 5.08 -26.00
CE MSE B 233 9.93 4.24 -24.58
N ASP B 234 6.94 8.51 -22.13
CA ASP B 234 6.50 9.83 -21.65
C ASP B 234 6.80 10.92 -22.69
N ASP B 235 5.77 11.64 -23.16
CA ASP B 235 5.98 12.72 -24.13
C ASP B 235 6.90 13.84 -23.63
N ASP B 236 7.02 13.97 -22.32
CA ASP B 236 7.96 14.94 -21.75
C ASP B 236 9.43 14.54 -22.03
N LEU B 237 9.64 13.26 -22.35
CA LEU B 237 10.99 12.69 -22.56
C LEU B 237 11.28 12.27 -23.99
N LEU B 238 10.23 12.11 -24.78
N LEU B 238 10.24 12.04 -24.79
CA LEU B 238 10.34 11.56 -26.13
CA LEU B 238 10.41 11.51 -26.14
C LEU B 238 11.34 12.30 -27.02
C LEU B 238 11.38 12.31 -27.03
N ASN B 239 11.41 13.64 -26.88
CA ASN B 239 12.34 14.49 -27.66
C ASN B 239 13.82 14.21 -27.41
N SER B 240 14.12 13.62 -26.26
CA SER B 240 15.50 13.35 -25.89
C SER B 240 15.94 11.91 -26.22
N MSE B 241 15.03 11.09 -26.71
CA MSE B 241 15.34 9.68 -26.99
C MSE B 241 15.91 9.48 -28.40
O MSE B 241 15.61 10.25 -29.30
CB MSE B 241 14.09 8.82 -26.83
CG MSE B 241 13.54 8.79 -25.42
SE MSE B 241 12.04 7.60 -25.35
CE MSE B 241 11.53 7.81 -23.49
N GLY B 242 16.69 8.42 -28.59
CA GLY B 242 17.24 8.10 -29.90
C GLY B 242 16.36 7.15 -30.71
N ASP B 243 16.88 6.74 -31.87
CA ASP B 243 16.15 5.88 -32.79
C ASP B 243 15.78 4.49 -32.26
N ALA B 244 16.45 4.01 -31.21
CA ALA B 244 16.06 2.76 -30.55
C ALA B 244 14.60 2.73 -30.06
N ALA B 245 14.00 3.91 -29.85
CA ALA B 245 12.62 4.04 -29.39
C ALA B 245 11.60 3.81 -30.53
N LEU B 246 12.04 3.95 -31.77
CA LEU B 246 11.13 3.78 -32.91
C LEU B 246 10.47 2.39 -32.84
N GLY B 247 9.16 2.33 -33.03
CA GLY B 247 8.46 1.05 -32.98
C GLY B 247 7.98 0.54 -31.62
N VAL B 248 8.34 1.22 -30.53
CA VAL B 248 7.83 0.83 -29.22
C VAL B 248 6.30 0.99 -29.21
N VAL B 249 5.57 -0.01 -28.71
CA VAL B 249 4.11 0.03 -28.72
C VAL B 249 3.57 0.12 -27.28
N THR B 250 2.76 1.13 -27.01
CA THR B 250 2.21 1.34 -25.68
C THR B 250 0.74 1.71 -25.70
N ALA B 251 0.03 1.35 -24.63
CA ALA B 251 -1.34 1.82 -24.45
C ALA B 251 -1.34 2.96 -23.44
N HIS B 252 -2.09 4.04 -23.73
CA HIS B 252 -2.16 5.15 -22.77
C HIS B 252 -3.31 6.06 -23.05
N MSE B 253 -3.59 6.93 -22.09
CA MSE B 253 -4.75 7.81 -22.22
C MSE B 253 -4.40 9.12 -22.93
O MSE B 253 -5.30 9.85 -23.34
CB MSE B 253 -5.36 8.08 -20.84
CG MSE B 253 -4.68 9.21 -20.06
SE MSE B 253 -2.84 9.02 -19.48
CE MSE B 253 -2.83 10.73 -18.56
N TYR B 254 -3.10 9.42 -23.08
CA TYR B 254 -2.71 10.68 -23.75
C TYR B 254 -1.47 10.53 -24.63
N SER B 255 -1.53 11.15 -25.80
CA SER B 255 -0.36 11.36 -26.62
C SER B 255 -0.36 12.80 -27.06
N ALA B 256 0.81 13.43 -27.03
CA ALA B 256 0.95 14.76 -27.61
C ALA B 256 0.59 14.79 -29.11
N ALA B 257 0.58 13.63 -29.78
CA ALA B 257 0.14 13.53 -31.18
C ALA B 257 -1.36 13.26 -31.38
N HIS B 258 -2.16 13.26 -30.30
CA HIS B 258 -3.62 13.06 -30.42
C HIS B 258 -4.18 14.09 -31.40
N PRO B 259 -4.92 13.65 -32.44
CA PRO B 259 -5.13 14.59 -33.57
C PRO B 259 -6.28 15.61 -33.45
N SER B 260 -6.86 15.77 -32.27
CA SER B 260 -8.00 16.68 -32.10
C SER B 260 -7.66 18.17 -32.17
N ALA B 261 -8.65 18.99 -32.52
CA ALA B 261 -8.46 20.45 -32.54
C ALA B 261 -8.02 20.95 -31.15
N MSE B 262 -8.69 20.49 -30.10
CA MSE B 262 -8.32 20.90 -28.76
C MSE B 262 -6.88 20.52 -28.38
O MSE B 262 -6.17 21.33 -27.78
CB MSE B 262 -9.30 20.37 -27.72
CG MSE B 262 -8.98 20.93 -26.32
SE MSE B 262 -10.18 20.28 -24.99
CE MSE B 262 -11.73 21.43 -25.43
N ASN B 263 -6.46 19.30 -28.72
CA ASN B 263 -5.06 18.95 -28.44
C ASN B 263 -4.06 19.76 -29.26
N LYS B 264 -4.36 20.01 -30.52
CA LYS B 264 -3.50 20.84 -31.37
C LYS B 264 -3.28 22.21 -30.72
N GLU B 265 -4.37 22.80 -30.23
CA GLU B 265 -4.33 24.11 -29.56
C GLU B 265 -3.53 24.04 -28.26
N PHE B 266 -3.81 23.00 -27.45
CA PHE B 266 -3.13 22.76 -26.18
C PHE B 266 -1.61 22.60 -26.35
N VAL B 267 -1.19 21.67 -27.21
CA VAL B 267 0.24 21.43 -27.43
C VAL B 267 0.94 22.70 -27.96
N ALA B 268 0.32 23.36 -28.95
CA ALA B 268 0.92 24.60 -29.47
C ALA B 268 1.08 25.66 -28.37
N ALA B 269 0.03 25.84 -27.56
CA ALA B 269 0.05 26.81 -26.46
C ALA B 269 1.10 26.46 -25.41
N TYR B 270 1.17 25.18 -25.05
CA TYR B 270 2.12 24.72 -24.06
C TYR B 270 3.56 24.90 -24.58
N LYS B 271 3.82 24.48 -25.81
CA LYS B 271 5.15 24.67 -26.42
C LYS B 271 5.53 26.15 -26.52
N LYS B 272 4.56 26.99 -26.88
CA LYS B 272 4.81 28.43 -26.99
C LYS B 272 5.19 29.03 -25.63
N GLU B 273 4.47 28.63 -24.58
CA GLU B 273 4.67 29.22 -23.27
C GLU B 273 5.92 28.66 -22.58
N PHE B 274 6.16 27.35 -22.71
CA PHE B 274 7.23 26.68 -21.92
C PHE B 274 8.43 26.17 -22.71
N GLY B 275 8.35 26.16 -24.04
CA GLY B 275 9.47 25.70 -24.89
C GLY B 275 9.66 24.19 -24.88
N GLN B 276 8.64 23.45 -24.46
CA GLN B 276 8.75 22.00 -24.28
C GLN B 276 7.42 21.39 -24.69
N ARG B 277 7.47 20.15 -25.14
CA ARG B 277 6.24 19.36 -25.42
C ARG B 277 5.57 18.92 -24.11
N PRO B 278 4.23 19.11 -23.97
CA PRO B 278 3.60 18.59 -22.75
C PRO B 278 3.52 17.06 -22.77
N GLY B 279 3.66 16.42 -21.61
CA GLY B 279 3.43 14.98 -21.49
C GLY B 279 2.10 14.67 -20.80
N PHE B 280 1.89 13.39 -20.51
CA PHE B 280 0.63 12.94 -19.91
C PHE B 280 0.41 13.48 -18.49
N MSE B 281 1.49 13.77 -17.79
CA MSE B 281 1.38 14.46 -16.50
C MSE B 281 0.84 15.89 -16.63
O MSE B 281 0.03 16.32 -15.80
CB MSE B 281 2.69 14.41 -15.71
CG MSE B 281 3.07 12.97 -15.28
SE MSE B 281 1.59 12.10 -14.28
CE MSE B 281 2.67 10.75 -13.39
N ALA B 282 1.25 16.62 -17.67
CA ALA B 282 0.69 17.95 -17.93
C ALA B 282 -0.82 17.93 -18.09
N VAL B 283 -1.34 16.95 -18.83
N VAL B 283 -1.37 16.98 -18.85
CA VAL B 283 -2.77 16.86 -19.10
CA VAL B 283 -2.82 16.95 -19.06
C VAL B 283 -3.56 16.56 -17.83
C VAL B 283 -3.58 16.59 -17.79
N GLY B 284 -2.98 15.74 -16.96
CA GLY B 284 -3.56 15.42 -15.64
C GLY B 284 -3.77 16.69 -14.82
N GLY B 285 -2.77 17.57 -14.84
CA GLY B 285 -2.87 18.87 -14.15
C GLY B 285 -3.89 19.80 -14.79
N TYR B 286 -3.86 19.87 -16.11
CA TYR B 286 -4.73 20.75 -16.89
C TYR B 286 -6.21 20.41 -16.61
N ASP B 287 -6.54 19.12 -16.66
CA ASP B 287 -7.89 18.68 -16.40
C ASP B 287 -8.27 18.76 -14.94
N GLY B 288 -7.29 18.56 -14.06
CA GLY B 288 -7.51 18.71 -12.62
C GLY B 288 -7.95 20.12 -12.25
N ILE B 289 -7.24 21.13 -12.77
CA ILE B 289 -7.63 22.51 -12.52
C ILE B 289 -8.95 22.87 -13.21
N HIS B 290 -9.20 22.32 -14.40
CA HIS B 290 -10.49 22.53 -15.07
C HIS B 290 -11.63 22.02 -14.23
N LEU B 291 -11.44 20.84 -13.63
CA LEU B 291 -12.46 20.21 -12.77
C LEU B 291 -12.87 21.13 -11.61
N VAL B 292 -11.87 21.73 -10.99
CA VAL B 292 -12.05 22.68 -9.90
C VAL B 292 -12.82 23.92 -10.33
N PHE B 293 -12.40 24.55 -11.43
CA PHE B 293 -13.13 25.72 -11.98
C PHE B 293 -14.60 25.39 -12.25
N GLU B 294 -14.83 24.30 -12.99
CA GLU B 294 -16.18 23.92 -13.39
C GLU B 294 -17.07 23.52 -12.22
N ALA B 295 -16.50 22.86 -11.21
CA ALA B 295 -17.27 22.49 -10.01
C ALA B 295 -17.77 23.73 -9.28
N LEU B 296 -16.85 24.68 -9.08
CA LEU B 296 -17.15 25.95 -8.44
C LEU B 296 -18.25 26.71 -9.19
N LYS B 297 -18.15 26.72 -10.51
CA LYS B 297 -19.20 27.27 -11.37
C LYS B 297 -20.53 26.56 -11.12
N LYS B 298 -20.50 25.23 -11.09
CA LYS B 298 -21.72 24.44 -10.90
C LYS B 298 -22.38 24.63 -9.54
N THR B 299 -21.59 24.94 -8.51
CA THR B 299 -22.13 25.15 -7.15
C THR B 299 -22.51 26.59 -6.91
N GLY B 300 -22.32 27.45 -7.92
CA GLY B 300 -22.54 28.89 -7.77
C GLY B 300 -21.57 29.55 -6.80
N GLY B 301 -20.37 29.00 -6.68
CA GLY B 301 -19.36 29.56 -5.78
C GLY B 301 -19.35 28.98 -4.37
N LYS B 302 -20.26 28.06 -4.08
CA LYS B 302 -20.24 27.31 -2.80
C LYS B 302 -18.95 26.46 -2.75
N ALA B 303 -18.13 26.72 -1.73
CA ALA B 303 -16.78 26.15 -1.67
C ALA B 303 -16.55 25.04 -0.63
N ASP B 304 -17.62 24.54 0.01
CA ASP B 304 -17.47 23.44 0.96
C ASP B 304 -17.22 22.12 0.22
N GLY B 305 -16.48 21.22 0.87
CA GLY B 305 -16.10 19.93 0.31
C GLY B 305 -17.26 19.13 -0.27
N ASP B 306 -18.34 18.98 0.49
CA ASP B 306 -19.49 18.17 0.09
C ASP B 306 -20.17 18.67 -1.20
N SER B 307 -20.39 19.98 -1.30
N SER B 307 -20.39 19.98 -1.30
CA SER B 307 -20.98 20.57 -2.50
CA SER B 307 -20.98 20.58 -2.49
C SER B 307 -20.07 20.41 -3.71
C SER B 307 -20.07 20.38 -3.71
N LEU B 308 -18.77 20.64 -3.53
CA LEU B 308 -17.77 20.47 -4.59
C LEU B 308 -17.70 19.06 -5.12
N ILE B 309 -17.65 18.07 -4.21
CA ILE B 309 -17.61 16.64 -4.62
C ILE B 309 -18.89 16.25 -5.36
N ALA B 310 -20.03 16.72 -4.85
CA ALA B 310 -21.32 16.46 -5.47
C ALA B 310 -21.35 17.04 -6.89
N ALA B 311 -20.77 18.23 -7.06
CA ALA B 311 -20.68 18.86 -8.38
C ALA B 311 -19.76 18.08 -9.32
N MSE B 312 -18.66 17.52 -8.77
CA MSE B 312 -17.65 16.83 -9.58
C MSE B 312 -18.11 15.47 -10.11
O MSE B 312 -17.73 15.09 -11.23
CB MSE B 312 -16.34 16.68 -8.80
CG MSE B 312 -15.59 17.97 -8.63
SE MSE B 312 -14.17 17.81 -7.35
CE MSE B 312 -13.54 19.63 -7.34
N LYS B 313 -18.91 14.76 -9.33
CA LYS B 313 -19.43 13.45 -9.75
C LYS B 313 -20.30 13.58 -11.00
N GLY B 314 -19.99 12.79 -12.02
CA GLY B 314 -20.79 12.76 -13.25
C GLY B 314 -20.41 13.79 -14.31
N MSE B 315 -19.54 14.73 -13.93
CA MSE B 315 -19.03 15.78 -14.83
C MSE B 315 -18.36 15.19 -16.08
O MSE B 315 -17.52 14.30 -15.97
CB MSE B 315 -18.02 16.62 -14.03
CG MSE B 315 -17.48 17.87 -14.73
SE MSE B 315 -18.19 19.53 -14.00
CE MSE B 315 -17.52 19.47 -12.21
N LYS B 316 -18.74 15.70 -17.24
CA LYS B 316 -18.20 15.28 -18.54
C LYS B 316 -17.62 16.50 -19.25
N TRP B 317 -16.48 16.33 -19.95
CA TRP B 317 -15.94 17.41 -20.80
C TRP B 317 -14.92 16.89 -21.76
N GLU B 318 -14.60 17.69 -22.77
N GLU B 318 -14.59 17.71 -22.77
CA GLU B 318 -13.53 17.34 -23.72
CA GLU B 318 -13.54 17.36 -23.72
C GLU B 318 -12.20 17.84 -23.20
C GLU B 318 -12.20 17.85 -23.20
N SER B 319 -11.25 16.93 -23.12
CA SER B 319 -9.88 17.21 -22.68
C SER B 319 -8.99 17.17 -23.91
N PRO B 320 -7.77 17.77 -23.86
CA PRO B 320 -6.86 17.53 -24.97
C PRO B 320 -6.68 16.03 -25.28
N ARG B 321 -6.85 15.15 -24.29
CA ARG B 321 -6.63 13.71 -24.50
C ARG B 321 -7.80 13.01 -25.21
N GLY B 322 -8.97 13.67 -25.23
CA GLY B 322 -10.24 13.08 -25.67
C GLY B 322 -11.37 13.35 -24.67
N PRO B 323 -12.59 12.82 -24.92
CA PRO B 323 -13.70 13.00 -23.98
C PRO B 323 -13.39 12.28 -22.67
N ILE B 324 -13.60 12.96 -21.54
CA ILE B 324 -13.40 12.35 -20.22
C ILE B 324 -14.55 12.70 -19.29
N SER B 325 -14.70 11.93 -18.21
CA SER B 325 -15.72 12.20 -17.21
C SER B 325 -15.26 11.69 -15.85
N ILE B 326 -15.92 12.17 -14.81
CA ILE B 326 -15.72 11.63 -13.46
C ILE B 326 -16.87 10.68 -13.17
N ASP B 327 -16.54 9.41 -12.95
CA ASP B 327 -17.55 8.39 -12.63
C ASP B 327 -18.28 8.81 -11.34
N PRO B 328 -19.62 9.01 -11.43
CA PRO B 328 -20.37 9.45 -10.25
C PRO B 328 -20.33 8.44 -9.10
N GLU B 329 -20.06 7.17 -9.41
CA GLU B 329 -20.02 6.11 -8.40
C GLU B 329 -18.65 5.94 -7.73
N THR B 330 -17.57 6.14 -8.47
CA THR B 330 -16.24 5.87 -7.93
C THR B 330 -15.36 7.10 -7.74
N ARG B 331 -15.77 8.24 -8.33
CA ARG B 331 -14.94 9.47 -8.37
C ARG B 331 -13.64 9.32 -9.19
N ASP B 332 -13.52 8.24 -9.93
CA ASP B 332 -12.36 8.04 -10.78
C ASP B 332 -12.60 8.48 -12.25
N ILE B 333 -11.50 8.66 -12.98
CA ILE B 333 -11.55 9.14 -14.37
C ILE B 333 -11.96 8.02 -15.34
N VAL B 334 -12.92 8.35 -16.20
CA VAL B 334 -13.33 7.47 -17.30
C VAL B 334 -12.86 8.15 -18.58
N GLN B 335 -12.14 7.41 -19.43
CA GLN B 335 -11.47 8.03 -20.56
C GLN B 335 -11.16 7.00 -21.62
N ASN B 336 -10.99 7.47 -22.85
CA ASN B 336 -10.41 6.61 -23.89
C ASN B 336 -9.01 6.15 -23.52
N ILE B 337 -8.68 4.92 -23.95
CA ILE B 337 -7.33 4.40 -23.91
C ILE B 337 -6.94 4.07 -25.34
N TYR B 338 -5.80 4.60 -25.77
CA TYR B 338 -5.35 4.41 -27.16
C TYR B 338 -4.18 3.44 -27.19
N ILE B 339 -4.01 2.73 -28.30
CA ILE B 339 -2.73 2.06 -28.51
C ILE B 339 -1.92 2.87 -29.51
N ARG B 340 -0.62 3.03 -29.23
CA ARG B 340 0.25 3.90 -30.01
C ARG B 340 1.55 3.19 -30.42
N LYS B 341 2.15 3.66 -31.51
CA LYS B 341 3.47 3.21 -31.93
C LYS B 341 4.36 4.42 -32.06
N VAL B 342 5.59 4.34 -31.56
CA VAL B 342 6.53 5.45 -31.70
C VAL B 342 6.98 5.56 -33.15
N GLU B 343 6.69 6.71 -33.77
CA GLU B 343 7.10 7.01 -35.14
C GLU B 343 7.78 8.37 -35.20
N LYS B 344 8.60 8.60 -36.22
CA LYS B 344 9.21 9.91 -36.43
C LYS B 344 8.36 10.77 -37.38
N VAL B 345 7.99 11.97 -36.93
CA VAL B 345 7.23 12.92 -37.74
C VAL B 345 7.94 14.26 -37.61
N ASP B 346 8.30 14.85 -38.75
CA ASP B 346 9.02 16.14 -38.80
C ASP B 346 10.23 16.16 -37.87
N GLY B 347 11.03 15.09 -37.92
CA GLY B 347 12.28 14.99 -37.15
C GLY B 347 12.16 14.57 -35.69
N GLU B 348 10.93 14.45 -35.19
CA GLU B 348 10.68 14.20 -33.76
C GLU B 348 9.94 12.88 -33.54
N LEU B 349 10.24 12.20 -32.44
CA LEU B 349 9.51 10.97 -32.06
C LEU B 349 8.16 11.30 -31.44
N TYR B 350 7.12 10.55 -31.86
CA TYR B 350 5.78 10.70 -31.31
C TYR B 350 5.13 9.34 -31.08
N ASN B 351 4.23 9.31 -30.08
CA ASN B 351 3.33 8.19 -29.87
C ASN B 351 2.13 8.31 -30.80
N ILE B 352 2.22 7.65 -31.95
CA ILE B 352 1.16 7.78 -32.96
C ILE B 352 0.04 6.79 -32.67
N GLU B 353 -1.15 7.31 -32.39
CA GLU B 353 -2.30 6.50 -31.98
C GLU B 353 -2.84 5.72 -33.19
N PHE B 354 -3.03 4.41 -33.03
CA PHE B 354 -3.58 3.58 -34.10
C PHE B 354 -4.82 2.79 -33.67
N ALA B 355 -5.15 2.80 -32.38
CA ALA B 355 -6.34 2.10 -31.88
C ALA B 355 -6.94 2.91 -30.74
N LYS B 356 -8.26 2.80 -30.56
CA LYS B 356 -9.02 3.58 -29.55
C LYS B 356 -10.09 2.72 -28.87
N PHE B 357 -10.05 2.65 -27.55
CA PHE B 357 -11.09 2.00 -26.75
C PHE B 357 -11.80 3.08 -25.95
N ASP B 358 -13.11 3.17 -26.14
CA ASP B 358 -13.88 4.30 -25.65
C ASP B 358 -14.20 4.16 -24.17
N ALA B 359 -14.03 5.26 -23.45
CA ALA B 359 -14.60 5.44 -22.09
C ALA B 359 -14.33 4.24 -21.19
N VAL B 360 -13.06 3.96 -20.96
CA VAL B 360 -12.66 2.83 -20.14
C VAL B 360 -12.72 3.19 -18.66
N LYS B 361 -13.54 2.47 -17.90
CA LYS B 361 -13.60 2.61 -16.45
C LYS B 361 -12.42 1.86 -15.86
N ASP B 362 -11.89 2.32 -14.72
CA ASP B 362 -10.85 1.59 -13.99
C ASP B 362 -11.23 0.12 -13.79
N PRO B 363 -10.48 -0.81 -14.41
CA PRO B 363 -10.69 -2.26 -14.24
C PRO B 363 -10.48 -2.75 -12.82
N GLY B 364 -9.70 -2.00 -12.03
CA GLY B 364 -9.44 -2.35 -10.62
C GLY B 364 -10.61 -2.10 -9.69
N LYS B 365 -11.69 -1.50 -10.20
CA LYS B 365 -12.90 -1.26 -9.41
C LYS B 365 -14.16 -1.85 -10.03
N THR B 366 -14.12 -2.17 -11.32
CA THR B 366 -15.31 -2.71 -12.00
C THR B 366 -15.81 -3.99 -11.32
N LYS B 367 -17.06 -3.93 -10.85
CA LYS B 367 -17.73 -5.00 -10.07
C LYS B 367 -16.82 -6.12 -9.53
C1 VNL C . 0.09 -9.28 9.10
CO1 VNL C . 1.34 -9.20 9.74
CO2 VNL C . -0.70 -10.45 9.18
CM1 VNL C . 1.82 -10.29 10.50
CM2 VNL C . -0.25 -11.54 9.93
OM VNL C . -0.98 -12.71 10.07
CZ VNL C . 1.06 -11.45 10.61
CC VNL C . -0.39 -8.12 8.28
CV VNL C . -2.33 -12.86 9.58
O1 VNL C . -0.02 -6.94 8.52
O2 VNL C . -1.13 -8.37 7.31
O3 VNL C . 1.49 -12.53 11.35
C1 EDO D . -5.19 -7.39 29.61
O1 EDO D . -3.85 -7.77 29.28
C2 EDO D . -5.44 -7.60 31.11
O2 EDO D . -4.45 -6.89 31.84
C1 IPA E . 5.73 -22.61 29.47
C2 IPA E . 6.41 -23.97 29.35
C3 IPA E . 7.92 -23.79 29.33
O2 IPA E . 6.05 -24.76 30.49
C1 EDO F . -10.37 22.35 -20.80
O1 EDO F . -11.43 21.79 -21.58
C2 EDO F . -9.71 21.25 -19.96
O2 EDO F . -9.35 20.13 -20.80
C1 VNL G . 2.61 6.73 -10.59
CO1 VNL G . 1.98 6.04 -11.65
CO2 VNL G . 3.65 7.66 -10.83
CM1 VNL G . 2.38 6.27 -12.98
CM2 VNL G . 4.06 7.92 -12.13
OM VNL G . 5.05 8.82 -12.46
CZ VNL G . 3.40 7.20 -13.25
CC VNL G . 2.20 6.45 -9.17
CV VNL G . 5.65 9.69 -11.46
O1 VNL G . 1.05 5.99 -8.96
O2 VNL G . 3.03 6.63 -8.25
O3 VNL G . 3.83 7.47 -14.52
C1 IPA H . 1.35 15.61 -33.91
C2 IPA H . 2.65 15.56 -34.69
C3 IPA H . 2.83 14.15 -35.22
O2 IPA H . 2.61 16.46 -35.79
#